data_8UG5
#
_entry.id   8UG5
#
_cell.length_a   1.00
_cell.length_b   1.00
_cell.length_c   1.00
_cell.angle_alpha   90.00
_cell.angle_beta   90.00
_cell.angle_gamma   90.00
#
_symmetry.space_group_name_H-M   'P 1'
#
_entity_poly.entity_id   1
_entity_poly.type   'polypeptide(L)'
_entity_poly.pdbx_seq_one_letter_code
;MLMVDEQLKIGATPMYSPSHNPIVIADDMEKGGSDSDSLPSSPTHHHELYRRPWIHEPRATNFFVRLITSLYALILTIIS
LVVEVSPTWRTDMWLAETIFYISMYGVGILFFAYCYIFIIYPGPYNQLISVLRKYKIIKNSEVWFIMQSQHNGEGAGTLY
LRLGALFFGSVGIVLFGLELFLCIENVACKKVAIAKMIVAIVFTFIQMHFIFCNSKITVNSSRKIVAFGMMHLISVNLWT
WFRFVLAKQEAKAHKKAQLKQTFRKYYSSSSSSSSEEIHELISAVLNSTLNNTPATKTMEPVASRLFALEHFGDVATFLT
TCIVEYSLIGAAIMFILWKSIGQNNHQQSNSGKRKVKMRIDCSSSSTGLFAGIIFLIGSLVSMGMYTIFESLRNSSGAQL
VFGIVDLSLFSIALGACIIGLWRMRHLQYRLHAHGEVIDEILLIIGLIGEILYCAVGIDVFITCRRSADLTVSALPAFVF
VIRMIQVVVQAAFILTTSRLRCLSKYSMKYKPGKEIITFLLVSNVTLFVFHTFEGMKSSFGFSSKAATQYNYIIYAVGPL
LVFYRFHSSACLAEIWKHTYSTKSNEYDHEHMSLSDSNLTAITPISDIKEIPSPQLLKH
;
_entity_poly.pdbx_strand_id   A,B
#
# COMPACT_ATOMS: atom_id res chain seq x y z
N TYR A 50 13.92 28.12 8.38
CA TYR A 50 14.28 29.48 8.76
C TYR A 50 15.78 29.51 8.99
N ARG A 51 16.19 29.37 10.26
CA ARG A 51 17.55 29.00 10.59
C ARG A 51 17.61 28.00 11.74
N ARG A 52 16.48 27.69 12.36
CA ARG A 52 16.46 26.79 13.50
C ARG A 52 16.77 25.35 13.06
N PRO A 53 17.29 24.54 13.97
CA PRO A 53 17.49 23.12 13.65
C PRO A 53 16.17 22.40 13.43
N TRP A 54 16.23 21.33 12.64
CA TRP A 54 15.02 20.55 12.36
C TRP A 54 14.50 19.85 13.61
N ILE A 55 15.36 19.62 14.61
CA ILE A 55 14.87 19.02 15.85
C ILE A 55 13.96 20.00 16.59
N HIS A 56 13.83 21.22 16.11
CA HIS A 56 13.04 22.23 16.81
C HIS A 56 12.09 22.89 15.81
N GLU A 57 11.99 22.29 14.62
CA GLU A 57 11.01 22.75 13.60
C GLU A 57 9.77 21.86 13.70
N PRO A 58 8.57 22.38 14.03
CA PRO A 58 7.39 21.54 14.17
C PRO A 58 7.14 20.53 13.05
N ARG A 59 7.10 20.97 11.81
CA ARG A 59 6.76 20.07 10.67
C ARG A 59 7.93 19.16 10.35
N ALA A 60 9.08 19.42 10.95
CA ALA A 60 10.23 18.53 10.78
C ALA A 60 10.11 17.46 11.84
N THR A 61 9.72 17.88 13.05
CA THR A 61 9.53 16.92 14.13
C THR A 61 8.30 16.07 13.91
N ASN A 62 7.28 16.66 13.25
CA ASN A 62 6.07 15.89 12.91
C ASN A 62 6.47 14.69 12.05
N PHE A 63 7.03 14.95 10.86
CA PHE A 63 7.42 13.85 9.96
C PHE A 63 8.35 12.91 10.72
N PHE A 64 9.35 13.43 11.44
CA PHE A 64 10.25 12.45 12.04
C PHE A 64 9.49 11.46 12.91
N VAL A 65 8.56 11.96 13.72
CA VAL A 65 7.76 11.08 14.57
C VAL A 65 6.87 10.18 13.72
N ARG A 66 6.27 10.75 12.67
CA ARG A 66 5.45 9.95 11.76
C ARG A 66 6.28 8.82 11.15
N LEU A 67 7.48 9.14 10.67
CA LEU A 67 8.34 8.14 10.04
C LEU A 67 8.77 7.07 11.04
N ILE A 68 9.15 7.48 12.25
CA ILE A 68 9.58 6.51 13.26
C ILE A 68 8.44 5.58 13.64
N THR A 69 7.26 6.13 13.88
CA THR A 69 6.12 5.29 14.26
C THR A 69 5.69 4.39 13.11
N SER A 70 5.72 4.89 11.88
CA SER A 70 5.38 4.07 10.73
C SER A 70 6.37 2.93 10.54
N LEU A 71 7.67 3.21 10.74
CA LEU A 71 8.67 2.15 10.67
C LEU A 71 8.46 1.12 11.76
N TYR A 72 8.14 1.57 12.98
CA TYR A 72 7.86 0.64 14.06
C TYR A 72 6.68 -0.26 13.74
N ALA A 73 5.60 0.34 13.21
CA ALA A 73 4.44 -0.45 12.81
C ALA A 73 4.76 -1.40 11.68
N LEU A 74 5.56 -0.96 10.71
CA LEU A 74 5.94 -1.83 9.59
C LEU A 74 6.74 -3.03 10.07
N ILE A 75 7.73 -2.79 10.93
CA ILE A 75 8.54 -3.88 11.47
C ILE A 75 7.65 -4.84 12.25
N LEU A 76 6.80 -4.30 13.12
CA LEU A 76 6.03 -5.17 14.00
C LEU A 76 4.97 -5.94 13.22
N THR A 77 4.40 -5.32 12.19
CA THR A 77 3.44 -6.02 11.35
C THR A 77 4.10 -7.12 10.54
N ILE A 78 5.29 -6.85 9.98
CA ILE A 78 5.99 -7.91 9.23
C ILE A 78 6.39 -9.05 10.16
N ILE A 79 6.88 -8.72 11.35
CA ILE A 79 7.25 -9.74 12.32
C ILE A 79 6.04 -10.55 12.74
N SER A 80 4.91 -9.88 12.96
CA SER A 80 3.68 -10.57 13.31
C SER A 80 3.24 -11.52 12.21
N LEU A 81 3.43 -11.16 10.96
CA LEU A 81 3.09 -12.15 9.92
C LEU A 81 4.00 -13.38 10.05
N VAL A 82 5.32 -13.24 10.08
CA VAL A 82 6.20 -14.45 10.11
C VAL A 82 5.83 -15.28 11.34
N VAL A 83 5.53 -14.65 12.47
CA VAL A 83 5.29 -15.44 13.70
C VAL A 83 3.91 -16.07 13.70
N GLU A 84 3.05 -15.66 12.81
CA GLU A 84 1.66 -16.14 12.89
C GLU A 84 1.31 -16.88 11.60
N VAL A 85 2.22 -16.91 10.65
CA VAL A 85 1.99 -17.65 9.37
C VAL A 85 3.13 -18.66 9.23
N SER A 86 3.98 -18.76 10.25
CA SER A 86 5.06 -19.75 10.28
C SER A 86 4.48 -21.13 10.51
N PRO A 87 5.23 -22.23 10.32
CA PRO A 87 4.72 -23.57 10.62
C PRO A 87 4.39 -23.75 12.11
N TRP A 94 6.23 -22.57 21.54
CA TRP A 94 4.89 -21.93 21.62
C TRP A 94 4.97 -20.68 22.51
N LEU A 95 5.83 -20.72 23.53
CA LEU A 95 5.99 -19.57 24.46
C LEU A 95 6.35 -18.33 23.64
N ALA A 96 7.25 -18.47 22.66
CA ALA A 96 7.63 -17.33 21.80
C ALA A 96 6.38 -16.59 21.34
N GLU A 97 5.38 -17.33 20.90
CA GLU A 97 4.13 -16.70 20.45
C GLU A 97 3.40 -16.28 21.70
N THR A 98 3.34 -17.16 22.67
CA THR A 98 2.54 -16.79 23.83
C THR A 98 3.00 -15.46 24.41
N ILE A 99 4.31 -15.32 24.66
CA ILE A 99 4.82 -14.10 25.25
C ILE A 99 4.64 -12.93 24.29
N PHE A 100 4.78 -13.18 22.99
CA PHE A 100 4.52 -12.15 21.99
C PHE A 100 3.05 -11.73 22.00
N TYR A 101 2.15 -12.72 22.05
CA TYR A 101 0.72 -12.46 22.10
C TYR A 101 0.37 -11.56 23.29
N ILE A 102 0.82 -11.98 24.48
CA ILE A 102 0.49 -11.25 25.70
C ILE A 102 1.17 -9.90 25.69
N SER A 103 2.37 -9.80 25.12
CA SER A 103 3.05 -8.51 25.03
C SER A 103 2.28 -7.54 24.15
N MET A 104 1.80 -8.00 22.99
CA MET A 104 1.09 -7.11 22.08
C MET A 104 -0.21 -6.61 22.70
N TYR A 105 -1.02 -7.54 23.22
CA TYR A 105 -2.23 -7.10 23.92
C TYR A 105 -1.94 -6.28 25.17
N GLY A 106 -0.90 -6.61 25.94
CA GLY A 106 -0.62 -5.85 27.14
C GLY A 106 -0.18 -4.44 26.84
N VAL A 107 0.65 -4.27 25.82
CA VAL A 107 1.07 -2.92 25.42
C VAL A 107 -0.12 -2.14 24.89
N GLY A 108 -1.00 -2.81 24.12
CA GLY A 108 -2.20 -2.13 23.67
C GLY A 108 -3.08 -1.67 24.83
N ILE A 109 -3.28 -2.54 25.81
CA ILE A 109 -4.09 -2.20 26.97
C ILE A 109 -3.43 -1.08 27.78
N LEU A 110 -2.10 -1.12 27.89
CA LEU A 110 -1.39 -0.05 28.61
C LEU A 110 -1.57 1.28 27.91
N PHE A 111 -1.49 1.30 26.58
CA PHE A 111 -1.75 2.52 25.83
C PHE A 111 -3.18 2.99 26.03
N PHE A 112 -4.13 2.06 26.03
CA PHE A 112 -5.53 2.43 26.25
C PHE A 112 -5.72 3.05 27.62
N ALA A 113 -5.10 2.45 28.65
CA ALA A 113 -5.18 3.01 29.99
C ALA A 113 -4.55 4.39 30.05
N TYR A 114 -3.42 4.58 29.36
CA TYR A 114 -2.81 5.90 29.31
C TYR A 114 -3.76 6.91 28.67
N CYS A 115 -4.43 6.53 27.59
CA CYS A 115 -5.37 7.43 26.95
C CYS A 115 -6.56 7.71 27.85
N TYR A 116 -7.10 6.67 28.50
CA TYR A 116 -8.29 6.84 29.31
C TYR A 116 -8.00 7.67 30.56
N ILE A 117 -6.90 7.36 31.23
CA ILE A 117 -6.56 8.06 32.47
C ILE A 117 -6.13 9.49 32.20
N PHE A 118 -5.28 9.70 31.19
CA PHE A 118 -4.64 11.00 30.99
C PHE A 118 -5.27 11.88 29.92
N ILE A 119 -6.00 11.31 28.97
CA ILE A 119 -6.52 12.13 27.87
C ILE A 119 -8.04 12.21 27.94
N ILE A 120 -8.72 11.07 27.80
CA ILE A 120 -10.17 11.09 27.66
C ILE A 120 -10.84 11.45 28.98
N TYR A 121 -10.38 10.87 30.08
CA TYR A 121 -10.97 11.08 31.40
C TYR A 121 -9.88 11.49 32.38
N PRO A 122 -9.39 12.73 32.29
CA PRO A 122 -8.35 13.19 33.21
C PRO A 122 -8.87 13.67 34.55
N GLY A 123 -10.17 13.59 34.80
CA GLY A 123 -10.76 14.04 36.04
C GLY A 123 -10.15 13.39 37.26
N PRO A 124 -10.27 12.07 37.38
CA PRO A 124 -9.68 11.38 38.55
C PRO A 124 -8.19 11.61 38.70
N TYR A 125 -7.51 11.90 37.61
CA TYR A 125 -6.07 12.24 37.77
C TYR A 125 -5.99 13.67 38.25
N ASN A 126 -6.87 14.53 37.74
CA ASN A 126 -6.84 15.97 38.13
C ASN A 126 -7.16 16.05 39.63
N GLN A 127 -8.14 15.26 40.10
CA GLN A 127 -8.44 15.22 41.54
C GLN A 127 -7.13 14.99 42.28
N LEU A 128 -6.55 13.82 42.08
CA LEU A 128 -5.31 13.47 42.80
C LEU A 128 -4.30 14.61 42.89
N ILE A 129 -4.01 15.28 41.80
CA ILE A 129 -2.96 16.34 41.89
C ILE A 129 -3.48 17.32 42.94
N SER A 130 -4.76 17.69 42.87
CA SER A 130 -5.36 18.61 43.87
C SER A 130 -5.36 17.97 45.26
N VAL A 131 -5.77 16.70 45.35
CA VAL A 131 -5.75 16.00 46.66
C VAL A 131 -4.33 16.08 47.20
N LEU A 132 -3.32 15.90 46.35
CA LEU A 132 -1.91 16.04 46.79
C LEU A 132 -1.64 17.53 47.06
N ARG A 133 -2.26 18.42 46.27
CA ARG A 133 -2.08 19.88 46.48
C ARG A 133 -2.64 20.25 47.86
N LYS A 134 -3.55 19.43 48.41
CA LYS A 134 -4.06 19.69 49.78
C LYS A 134 -2.99 19.21 50.76
N TYR A 135 -2.60 17.93 50.65
CA TYR A 135 -1.50 17.41 51.49
C TYR A 135 -0.20 17.92 50.90
N LYS A 136 -0.01 19.24 50.89
CA LYS A 136 1.22 19.84 50.30
C LYS A 136 1.96 20.64 51.38
N TRP A 144 0.53 23.96 37.10
CA TRP A 144 1.68 23.06 37.39
C TRP A 144 1.58 21.80 36.53
N PHE A 145 0.72 20.85 36.92
CA PHE A 145 0.59 19.58 36.17
C PHE A 145 -0.84 19.03 36.30
N ILE A 146 -1.82 19.73 35.73
CA ILE A 146 -3.22 19.22 35.75
C ILE A 146 -3.64 19.00 34.29
N MET A 147 -4.19 17.84 33.96
CA MET A 147 -4.50 17.51 32.53
C MET A 147 -5.81 18.17 32.06
N GLN A 148 -5.70 19.09 31.11
CA GLN A 148 -6.88 19.79 30.56
C GLN A 148 -7.87 18.80 29.93
N SER A 149 -9.10 19.23 29.73
CA SER A 149 -10.13 18.30 29.20
C SER A 149 -10.44 18.62 27.73
N GLN A 150 -9.48 19.19 27.00
CA GLN A 150 -9.68 19.44 25.55
C GLN A 150 -10.26 18.17 24.90
N HIS A 151 -11.30 18.33 24.07
CA HIS A 151 -11.92 17.16 23.39
C HIS A 151 -12.50 17.63 22.05
N ASN A 152 -13.18 16.73 21.34
CA ASN A 152 -13.75 17.09 20.02
C ASN A 152 -15.01 16.27 19.74
N GLY A 153 -15.74 16.60 18.68
CA GLY A 153 -16.93 15.82 18.29
C GLY A 153 -16.70 15.15 16.95
N GLU A 154 -15.62 15.54 16.26
CA GLU A 154 -15.30 14.92 14.95
C GLU A 154 -14.80 13.49 15.18
N GLY A 155 -15.58 12.49 14.75
CA GLY A 155 -15.15 11.08 14.90
C GLY A 155 -14.23 10.66 13.76
N ALA A 156 -13.74 9.43 13.82
CA ALA A 156 -12.88 8.91 12.72
C ALA A 156 -13.66 7.90 11.92
N GLY A 157 -14.98 7.92 12.04
CA GLY A 157 -15.75 6.99 11.23
C GLY A 157 -17.22 7.32 11.31
N THR A 158 -17.97 6.74 10.39
CA THR A 158 -19.40 6.98 10.34
C THR A 158 -20.11 6.18 11.44
N LEU A 159 -21.35 6.60 11.73
CA LEU A 159 -22.12 5.93 12.76
C LEU A 159 -22.37 4.47 12.40
N TYR A 160 -22.70 4.19 11.14
CA TYR A 160 -22.95 2.82 10.73
C TYR A 160 -21.68 1.97 10.81
N LEU A 161 -20.54 2.55 10.42
CA LEU A 161 -19.28 1.83 10.51
C LEU A 161 -18.94 1.51 11.97
N ARG A 162 -19.16 2.47 12.87
CA ARG A 162 -18.84 2.22 14.28
C ARG A 162 -19.81 1.22 14.90
N LEU A 163 -21.09 1.24 14.50
CA LEU A 163 -22.02 0.22 14.96
C LEU A 163 -21.62 -1.16 14.45
N GLY A 164 -21.20 -1.24 13.18
CA GLY A 164 -20.68 -2.50 12.69
C GLY A 164 -19.46 -2.96 13.44
N ALA A 165 -18.60 -2.01 13.84
CA ALA A 165 -17.45 -2.36 14.66
C ALA A 165 -17.88 -2.91 16.01
N LEU A 166 -18.88 -2.29 16.63
CA LEU A 166 -19.39 -2.80 17.90
C LEU A 166 -19.95 -4.21 17.74
N PHE A 167 -20.72 -4.44 16.67
CA PHE A 167 -21.31 -5.75 16.46
C PHE A 167 -20.26 -6.82 16.20
N PHE A 168 -19.29 -6.52 15.32
CA PHE A 168 -18.27 -7.50 14.99
C PHE A 168 -17.34 -7.76 16.17
N GLY A 169 -17.03 -6.72 16.96
CA GLY A 169 -16.26 -6.93 18.17
C GLY A 169 -17.02 -7.73 19.21
N SER A 170 -18.33 -7.53 19.31
CA SER A 170 -19.13 -8.33 20.22
C SER A 170 -19.11 -9.80 19.82
N VAL A 171 -19.16 -10.04 18.51
CA VAL A 171 -19.16 -11.44 18.00
C VAL A 171 -17.74 -12.02 18.17
N GLY A 172 -16.70 -11.17 18.15
CA GLY A 172 -15.34 -11.62 18.44
C GLY A 172 -15.14 -11.95 19.91
N ILE A 173 -15.76 -11.16 20.80
CA ILE A 173 -15.72 -11.48 22.23
C ILE A 173 -16.48 -12.76 22.50
N VAL A 174 -17.59 -13.00 21.78
CA VAL A 174 -18.28 -14.28 21.94
C VAL A 174 -17.35 -15.42 21.57
N LEU A 175 -16.60 -15.27 20.48
CA LEU A 175 -15.63 -16.28 20.08
C LEU A 175 -14.57 -16.48 21.16
N PHE A 176 -13.96 -15.39 21.62
CA PHE A 176 -12.91 -15.49 22.62
C PHE A 176 -13.42 -16.13 23.91
N GLY A 177 -14.63 -15.76 24.33
CA GLY A 177 -15.22 -16.40 25.49
C GLY A 177 -15.52 -17.87 25.26
N LEU A 178 -15.86 -18.22 24.01
CA LEU A 178 -16.12 -19.63 23.70
C LEU A 178 -14.87 -20.47 23.91
N GLU A 179 -13.74 -20.06 23.33
CA GLU A 179 -12.51 -20.82 23.59
C GLU A 179 -12.01 -20.65 25.02
N LEU A 180 -12.33 -19.54 25.70
CA LEU A 180 -12.03 -19.44 27.11
C LEU A 180 -12.74 -20.52 27.92
N PHE A 181 -14.04 -20.69 27.66
CA PHE A 181 -14.80 -21.74 28.34
C PHE A 181 -14.28 -23.12 27.96
N LEU A 182 -13.94 -23.31 26.68
CA LEU A 182 -13.47 -24.60 26.21
C LEU A 182 -12.10 -24.93 26.80
N CYS A 183 -11.40 -23.89 27.26
CA CYS A 183 -10.09 -24.11 27.95
C CYS A 183 -10.37 -24.52 29.41
N ILE A 184 -11.00 -23.65 30.20
CA ILE A 184 -11.27 -23.95 31.64
C ILE A 184 -11.92 -25.33 31.74
N GLU A 185 -13.07 -25.52 31.09
CA GLU A 185 -13.81 -26.79 31.24
C GLU A 185 -13.15 -27.99 30.55
N ASN A 186 -11.96 -27.82 29.99
CA ASN A 186 -11.22 -29.00 29.50
C ASN A 186 -10.03 -29.34 30.38
N VAL A 187 -9.13 -30.21 29.92
CA VAL A 187 -8.00 -30.66 30.79
C VAL A 187 -6.70 -30.63 29.98
N ALA A 188 -6.65 -29.85 28.90
CA ALA A 188 -5.45 -29.95 28.02
C ALA A 188 -4.70 -28.63 27.96
N CYS A 189 -5.42 -27.50 28.11
CA CYS A 189 -4.76 -26.19 27.97
C CYS A 189 -4.17 -25.75 29.33
N LYS A 190 -3.81 -24.47 29.45
CA LYS A 190 -3.14 -23.98 30.67
C LYS A 190 -3.52 -22.54 30.99
N LYS A 191 -3.01 -22.01 32.11
CA LYS A 191 -3.23 -20.57 32.38
C LYS A 191 -2.70 -19.86 31.14
N VAL A 192 -1.61 -20.37 30.56
CA VAL A 192 -1.10 -19.79 29.29
C VAL A 192 -2.23 -19.47 28.32
N ALA A 193 -3.27 -20.33 28.28
CA ALA A 193 -4.40 -20.10 27.37
C ALA A 193 -5.30 -19.06 28.05
N ILE A 194 -5.83 -19.39 29.23
CA ILE A 194 -6.77 -18.46 29.93
C ILE A 194 -6.24 -17.02 29.85
N ALA A 195 -5.02 -16.79 30.34
CA ALA A 195 -4.49 -15.41 30.43
C ALA A 195 -4.61 -14.75 29.06
N LYS A 196 -4.05 -15.37 28.02
CA LYS A 196 -4.03 -14.71 26.72
C LYS A 196 -5.44 -14.48 26.21
N MET A 197 -6.35 -15.40 26.50
CA MET A 197 -7.74 -15.18 26.08
C MET A 197 -8.40 -14.06 26.88
N ILE A 198 -8.08 -13.95 28.17
CA ILE A 198 -8.56 -12.84 28.98
C ILE A 198 -8.06 -11.51 28.43
N VAL A 199 -6.76 -11.44 28.10
CA VAL A 199 -6.26 -10.16 27.59
C VAL A 199 -6.84 -9.87 26.22
N ALA A 200 -7.13 -10.91 25.43
CA ALA A 200 -7.82 -10.69 24.15
C ALA A 200 -9.20 -10.07 24.37
N ILE A 201 -9.98 -10.63 25.30
CA ILE A 201 -11.31 -10.12 25.56
C ILE A 201 -11.24 -8.69 26.09
N VAL A 202 -10.33 -8.44 27.04
CA VAL A 202 -10.22 -7.11 27.64
C VAL A 202 -9.82 -6.09 26.58
N PHE A 203 -8.81 -6.42 25.77
CA PHE A 203 -8.38 -5.51 24.72
C PHE A 203 -9.49 -5.26 23.72
N THR A 204 -10.21 -6.31 23.31
CA THR A 204 -11.26 -6.13 22.32
C THR A 204 -12.36 -5.23 22.84
N PHE A 205 -12.81 -5.45 24.09
CA PHE A 205 -13.88 -4.63 24.63
C PHE A 205 -13.44 -3.18 24.81
N ILE A 206 -12.23 -2.96 25.33
CA ILE A 206 -11.72 -1.61 25.45
C ILE A 206 -11.66 -0.94 24.09
N GLN A 207 -11.25 -1.69 23.06
CA GLN A 207 -11.11 -1.10 21.74
C GLN A 207 -12.47 -0.78 21.13
N MET A 208 -13.49 -1.63 21.36
CA MET A 208 -14.83 -1.26 20.88
C MET A 208 -15.31 0.02 21.54
N HIS A 209 -15.10 0.12 22.85
CA HIS A 209 -15.51 1.34 23.56
C HIS A 209 -14.79 2.56 23.00
N PHE A 210 -13.48 2.38 22.75
CA PHE A 210 -12.66 3.50 22.24
C PHE A 210 -13.13 3.88 20.83
N ILE A 211 -13.29 2.89 19.95
CA ILE A 211 -13.74 3.17 18.55
C ILE A 211 -15.07 3.92 18.63
N PHE A 212 -16.07 3.34 19.27
CA PHE A 212 -17.39 3.97 19.28
C PHE A 212 -17.36 5.37 19.86
N CYS A 213 -16.28 5.70 20.57
CA CYS A 213 -16.13 7.09 21.11
C CYS A 213 -14.78 7.67 20.64
N ASN A 214 -14.47 7.56 19.34
CA ASN A 214 -13.16 8.03 18.80
C ASN A 214 -13.23 9.52 18.46
N SER A 215 -14.06 10.29 19.16
CA SER A 215 -14.23 11.73 18.83
C SER A 215 -13.52 12.59 19.88
N LYS A 216 -13.96 12.49 21.14
CA LYS A 216 -13.36 13.32 22.23
C LYS A 216 -11.85 13.11 22.28
N ILE A 217 -11.35 12.03 21.68
CA ILE A 217 -9.89 11.74 21.80
C ILE A 217 -9.09 12.90 21.21
N THR A 218 -8.21 13.52 22.01
CA THR A 218 -7.34 14.61 21.48
C THR A 218 -5.98 13.99 21.12
N VAL A 219 -5.83 13.43 19.94
CA VAL A 219 -4.54 12.75 19.66
C VAL A 219 -3.45 13.78 19.91
N ASN A 220 -3.80 15.06 19.88
CA ASN A 220 -2.79 16.15 19.99
C ASN A 220 -2.50 16.70 21.36
N SER A 221 -2.70 15.90 22.40
CA SER A 221 -2.30 16.35 23.75
C SER A 221 -1.03 15.60 24.11
N SER A 222 -1.02 14.27 24.08
CA SER A 222 0.24 13.51 24.24
C SER A 222 0.60 13.00 22.85
N ARG A 223 1.04 13.88 21.97
CA ARG A 223 1.17 13.50 20.55
C ARG A 223 2.34 12.65 20.14
N LYS A 224 3.11 12.05 21.00
CA LYS A 224 4.16 11.15 20.51
C LYS A 224 3.96 9.78 21.13
N ILE A 225 3.06 9.74 22.09
CA ILE A 225 2.80 8.39 22.68
C ILE A 225 1.51 7.97 21.99
N VAL A 226 0.69 8.94 21.63
CA VAL A 226 -0.53 8.62 20.87
C VAL A 226 -0.04 8.22 19.48
N ALA A 227 1.10 8.75 19.04
CA ALA A 227 1.54 8.25 17.74
C ALA A 227 2.04 6.82 17.84
N PHE A 228 2.92 6.57 18.81
CA PHE A 228 3.45 5.20 19.02
C PHE A 228 2.27 4.27 19.37
N GLY A 229 1.32 4.75 20.18
CA GLY A 229 0.21 3.92 20.58
C GLY A 229 -0.72 3.56 19.44
N MET A 230 -1.06 4.52 18.59
CA MET A 230 -1.91 4.23 17.45
C MET A 230 -1.22 3.29 16.47
N MET A 231 0.08 3.48 16.22
CA MET A 231 0.77 2.54 15.35
C MET A 231 0.83 1.14 15.97
N HIS A 232 1.02 1.06 17.28
CA HIS A 232 1.01 -0.25 17.93
C HIS A 232 -0.37 -0.89 17.84
N LEU A 233 -1.44 -0.09 17.96
CA LEU A 233 -2.79 -0.63 17.86
C LEU A 233 -3.08 -1.11 16.45
N ILE A 234 -2.60 -0.37 15.43
CA ILE A 234 -2.73 -0.83 14.06
C ILE A 234 -2.00 -2.16 13.89
N SER A 235 -0.81 -2.26 14.45
CA SER A 235 -0.05 -3.51 14.38
C SER A 235 -0.82 -4.64 15.05
N VAL A 236 -1.43 -4.37 16.20
CA VAL A 236 -2.18 -5.37 16.93
C VAL A 236 -3.39 -5.83 16.13
N ASN A 237 -4.12 -4.90 15.52
CA ASN A 237 -5.28 -5.27 14.73
C ASN A 237 -4.88 -6.07 13.49
N LEU A 238 -3.84 -5.64 12.79
CA LEU A 238 -3.39 -6.38 11.62
C LEU A 238 -2.87 -7.76 12.00
N TRP A 239 -2.20 -7.86 13.14
CA TRP A 239 -1.70 -9.14 13.63
C TRP A 239 -2.85 -10.06 14.00
N THR A 240 -3.89 -9.52 14.62
CA THR A 240 -5.07 -10.34 14.91
C THR A 240 -5.71 -10.84 13.62
N TRP A 241 -5.78 -9.98 12.61
CA TRP A 241 -6.26 -10.43 11.30
C TRP A 241 -5.39 -11.57 10.78
N PHE A 242 -4.06 -11.41 10.86
CA PHE A 242 -3.14 -12.47 10.41
C PHE A 242 -3.33 -13.76 11.18
N ARG A 243 -3.75 -13.69 12.44
CA ARG A 243 -4.01 -14.88 13.23
C ARG A 243 -5.17 -15.71 12.68
N PHE A 244 -6.01 -15.11 11.84
CA PHE A 244 -7.22 -15.76 11.35
C PHE A 244 -7.25 -15.90 9.84
N VAL A 245 -6.11 -15.71 9.16
CA VAL A 245 -6.06 -15.92 7.68
C VAL A 245 -5.67 -17.38 7.43
N LEU A 246 -5.59 -18.18 8.49
CA LEU A 246 -5.12 -19.59 8.38
C LEU A 246 -6.17 -20.53 8.98
N ALA A 247 -6.55 -21.58 8.24
CA ALA A 247 -7.55 -22.55 8.75
C ALA A 247 -6.90 -23.49 9.76
N LYS A 248 -7.53 -23.67 10.93
CA LYS A 248 -6.98 -24.59 11.97
C LYS A 248 -7.82 -25.87 12.00
N PHE A 312 -20.62 -26.90 14.47
CA PHE A 312 -21.15 -26.46 13.18
C PHE A 312 -20.05 -25.72 12.43
N GLY A 313 -19.85 -26.10 11.16
CA GLY A 313 -18.90 -25.39 10.33
C GLY A 313 -19.39 -24.02 9.89
N ASP A 314 -20.71 -23.80 9.89
CA ASP A 314 -21.23 -22.49 9.53
C ASP A 314 -21.01 -21.46 10.63
N VAL A 315 -21.18 -21.85 11.88
CA VAL A 315 -21.00 -20.91 12.99
C VAL A 315 -19.52 -20.65 13.26
N ALA A 316 -18.65 -21.61 12.97
CA ALA A 316 -17.22 -21.40 13.17
C ALA A 316 -16.66 -20.37 12.19
N THR A 317 -17.08 -20.44 10.92
CA THR A 317 -16.55 -19.50 9.93
C THR A 317 -17.14 -18.11 10.09
N PHE A 318 -18.27 -18.02 10.79
CA PHE A 318 -18.94 -16.72 11.03
C PHE A 318 -18.17 -15.98 12.14
N LEU A 319 -17.68 -16.74 13.12
CA LEU A 319 -16.97 -16.12 14.26
C LEU A 319 -15.63 -15.55 13.78
N THR A 320 -14.87 -16.33 12.98
CA THR A 320 -13.61 -15.82 12.46
C THR A 320 -13.81 -14.60 11.57
N THR A 321 -14.84 -14.64 10.72
CA THR A 321 -15.11 -13.51 9.83
C THR A 321 -15.38 -12.24 10.61
N CYS A 322 -16.18 -12.34 11.67
CA CYS A 322 -16.54 -11.15 12.44
C CYS A 322 -15.31 -10.52 13.09
N ILE A 323 -14.42 -11.34 13.64
CA ILE A 323 -13.23 -10.77 14.28
C ILE A 323 -12.28 -10.21 13.23
N VAL A 324 -12.21 -10.81 12.04
CA VAL A 324 -11.39 -10.24 10.96
C VAL A 324 -11.93 -8.87 10.56
N GLU A 325 -13.25 -8.77 10.39
CA GLU A 325 -13.89 -7.49 9.99
C GLU A 325 -13.63 -6.47 11.09
N TYR A 326 -13.80 -6.86 12.36
CA TYR A 326 -13.58 -5.95 13.47
C TYR A 326 -12.13 -5.45 13.49
N SER A 327 -11.18 -6.35 13.25
CA SER A 327 -9.77 -5.94 13.21
C SER A 327 -9.52 -4.95 12.09
N LEU A 328 -10.11 -5.20 10.91
CA LEU A 328 -9.93 -4.28 9.80
C LEU A 328 -10.49 -2.90 10.12
N ILE A 329 -11.69 -2.85 10.71
CA ILE A 329 -12.30 -1.56 11.04
C ILE A 329 -11.46 -0.85 12.10
N GLY A 330 -10.99 -1.58 13.11
CA GLY A 330 -10.16 -0.98 14.13
C GLY A 330 -8.86 -0.44 13.58
N ALA A 331 -8.22 -1.20 12.67
CA ALA A 331 -6.98 -0.73 12.06
C ALA A 331 -7.21 0.53 11.25
N ALA A 332 -8.30 0.58 10.47
CA ALA A 332 -8.59 1.78 9.70
C ALA A 332 -8.85 2.98 10.62
N ILE A 333 -9.60 2.76 11.70
CA ILE A 333 -9.92 3.86 12.61
C ILE A 333 -8.65 4.37 13.29
N MET A 334 -7.80 3.46 13.77
CA MET A 334 -6.56 3.87 14.41
C MET A 334 -5.63 4.57 13.43
N PHE A 335 -5.59 4.13 12.18
CA PHE A 335 -4.77 4.83 11.19
C PHE A 335 -5.29 6.22 10.94
N ILE A 336 -6.62 6.38 10.87
CA ILE A 336 -7.21 7.72 10.60
C ILE A 336 -6.88 8.62 11.80
N LEU A 337 -6.99 8.09 13.02
CA LEU A 337 -6.64 8.89 14.19
C LEU A 337 -5.16 9.24 14.19
N TRP A 338 -4.30 8.29 13.82
CA TRP A 338 -2.87 8.55 13.77
C TRP A 338 -2.54 9.61 12.72
N LYS A 339 -3.21 9.57 11.58
CA LYS A 339 -3.00 10.56 10.54
C LYS A 339 -3.36 11.97 11.01
N SER A 340 -4.28 12.10 11.97
CA SER A 340 -4.70 13.40 12.47
C SER A 340 -3.77 13.97 13.53
N ILE A 341 -2.77 13.18 13.95
CA ILE A 341 -1.78 13.66 14.95
C ILE A 341 -0.96 14.79 14.32
N GLY A 342 -0.79 15.91 15.04
CA GLY A 342 -0.03 17.02 14.53
C GLY A 342 -0.79 17.96 13.63
N GLN A 343 -2.09 17.71 13.42
CA GLN A 343 -2.90 18.48 12.49
C GLN A 343 -3.66 19.57 13.23
N ASN A 344 -3.65 20.78 12.68
CA ASN A 344 -4.35 21.92 13.27
C ASN A 344 -5.70 22.15 12.59
N ASN A 345 -6.64 21.25 12.91
CA ASN A 345 -7.96 21.31 12.28
C ASN A 345 -9.00 21.94 13.20
N GLY A 397 -28.56 -28.92 -5.07
CA GLY A 397 -29.19 -27.87 -5.89
C GLY A 397 -28.86 -26.51 -5.32
N ALA A 398 -28.13 -26.49 -4.20
CA ALA A 398 -27.70 -25.21 -3.61
C ALA A 398 -26.77 -24.56 -4.62
N GLN A 399 -25.80 -25.33 -5.12
CA GLN A 399 -24.80 -24.75 -6.04
C GLN A 399 -25.48 -24.36 -7.35
N LEU A 400 -26.78 -24.56 -7.47
CA LEU A 400 -27.48 -24.10 -8.70
C LEU A 400 -28.34 -22.89 -8.34
N VAL A 401 -29.31 -23.05 -7.45
CA VAL A 401 -30.23 -21.89 -7.22
C VAL A 401 -29.40 -20.73 -6.68
N PHE A 402 -28.39 -21.04 -5.87
CA PHE A 402 -27.64 -19.96 -5.21
C PHE A 402 -26.84 -19.20 -6.28
N GLY A 403 -26.19 -19.92 -7.17
CA GLY A 403 -25.52 -19.22 -8.24
C GLY A 403 -26.46 -18.36 -9.06
N ILE A 404 -27.67 -18.86 -9.30
CA ILE A 404 -28.65 -18.09 -10.08
C ILE A 404 -29.02 -16.81 -9.34
N VAL A 405 -29.26 -16.90 -8.04
CA VAL A 405 -29.66 -15.71 -7.29
C VAL A 405 -28.49 -14.77 -7.11
N ASP A 406 -27.26 -15.28 -7.00
CA ASP A 406 -26.10 -14.39 -7.01
C ASP A 406 -25.99 -13.64 -8.33
N LEU A 407 -26.17 -14.35 -9.44
CA LEU A 407 -26.12 -13.70 -10.74
C LEU A 407 -27.20 -12.64 -10.89
N SER A 408 -28.42 -12.95 -10.45
CA SER A 408 -29.50 -11.99 -10.55
C SER A 408 -29.23 -10.77 -9.66
N LEU A 409 -28.77 -11.00 -8.44
CA LEU A 409 -28.44 -9.90 -7.53
C LEU A 409 -27.28 -9.08 -8.06
N PHE A 410 -26.26 -9.74 -8.61
CA PHE A 410 -25.14 -9.00 -9.20
C PHE A 410 -25.59 -8.19 -10.40
N SER A 411 -26.41 -8.79 -11.27
CA SER A 411 -26.80 -8.11 -12.50
C SER A 411 -27.62 -6.86 -12.23
N ILE A 412 -28.60 -6.95 -11.32
CA ILE A 412 -29.42 -5.79 -11.02
C ILE A 412 -28.59 -4.71 -10.32
N ALA A 413 -27.69 -5.12 -9.42
CA ALA A 413 -26.80 -4.16 -8.79
C ALA A 413 -25.83 -3.55 -9.81
N LEU A 414 -25.35 -4.37 -10.75
CA LEU A 414 -24.47 -3.86 -11.80
C LEU A 414 -25.17 -2.81 -12.65
N GLY A 415 -26.42 -3.08 -13.03
CA GLY A 415 -27.17 -2.10 -13.81
C GLY A 415 -27.51 -0.86 -13.01
N ALA A 416 -27.86 -1.03 -11.74
CA ALA A 416 -28.19 0.11 -10.90
C ALA A 416 -27.01 1.05 -10.74
N CYS A 417 -25.80 0.50 -10.58
CA CYS A 417 -24.61 1.32 -10.50
C CYS A 417 -24.41 2.12 -11.78
N ILE A 418 -24.57 1.46 -12.93
CA ILE A 418 -24.40 2.15 -14.21
C ILE A 418 -25.47 3.20 -14.42
N ILE A 419 -26.73 2.85 -14.11
CA ILE A 419 -27.80 3.83 -14.20
C ILE A 419 -27.58 4.95 -13.20
N GLY A 420 -27.23 4.60 -11.95
CA GLY A 420 -27.08 5.61 -10.92
C GLY A 420 -26.05 6.66 -11.27
N LEU A 421 -24.92 6.23 -11.82
CA LEU A 421 -23.90 7.19 -12.26
C LEU A 421 -24.45 8.09 -13.35
N TRP A 422 -25.24 7.54 -14.27
CA TRP A 422 -25.85 8.36 -15.31
C TRP A 422 -26.85 9.34 -14.72
N ARG A 423 -27.66 8.89 -13.75
CA ARG A 423 -28.67 9.77 -13.18
C ARG A 423 -28.04 10.84 -12.29
N MET A 424 -26.98 10.49 -11.56
CA MET A 424 -26.36 11.39 -10.60
C MET A 424 -25.26 12.24 -11.22
N ARG A 425 -25.17 12.26 -12.55
CA ARG A 425 -24.12 13.04 -13.22
C ARG A 425 -24.30 14.53 -13.04
N HIS A 426 -25.48 14.99 -12.64
CA HIS A 426 -25.77 16.41 -12.55
C HIS A 426 -25.54 16.99 -11.16
N LEU A 427 -25.06 16.19 -10.22
CA LEU A 427 -24.76 16.69 -8.88
C LEU A 427 -23.45 17.48 -8.89
N GLN A 428 -23.02 17.90 -7.72
CA GLN A 428 -21.84 18.75 -7.58
C GLN A 428 -20.78 18.07 -6.72
N TYR A 429 -19.53 18.38 -7.05
CA TYR A 429 -18.39 17.85 -6.27
C TYR A 429 -18.43 18.49 -4.88
N ARG A 430 -18.05 17.71 -3.86
CA ARG A 430 -18.06 18.22 -2.47
C ARG A 430 -16.94 19.24 -2.27
N LEU A 431 -17.16 20.16 -1.36
CA LEU A 431 -16.13 21.15 -1.02
C LEU A 431 -15.29 20.72 0.17
N HIS A 432 -15.86 19.98 1.11
CA HIS A 432 -15.14 19.45 2.26
C HIS A 432 -15.23 17.94 2.26
N ALA A 433 -14.10 17.26 2.19
CA ALA A 433 -14.06 15.80 2.30
C ALA A 433 -14.40 15.41 3.73
N HIS A 434 -15.29 14.44 3.88
CA HIS A 434 -15.75 14.01 5.19
C HIS A 434 -15.69 12.48 5.25
N GLY A 435 -14.67 11.96 5.92
CA GLY A 435 -14.53 10.51 6.05
C GLY A 435 -14.36 9.80 4.73
N GLU A 436 -13.55 10.34 3.83
CA GLU A 436 -13.36 9.76 2.51
C GLU A 436 -12.13 8.87 2.43
N VAL A 437 -11.23 8.95 3.41
CA VAL A 437 -9.98 8.19 3.40
C VAL A 437 -10.17 6.82 4.02
N ILE A 438 -10.88 6.78 5.16
CA ILE A 438 -11.17 5.48 5.82
C ILE A 438 -12.04 4.67 4.86
N ASP A 439 -13.04 5.32 4.26
CA ASP A 439 -13.92 4.64 3.31
C ASP A 439 -13.12 4.13 2.12
N GLU A 440 -12.19 4.95 1.61
CA GLU A 440 -11.34 4.52 0.51
C GLU A 440 -10.52 3.28 0.90
N ILE A 441 -9.90 3.32 2.08
CA ILE A 441 -9.01 2.22 2.49
C ILE A 441 -9.81 0.93 2.64
N LEU A 442 -10.92 0.99 3.37
CA LEU A 442 -11.71 -0.21 3.61
C LEU A 442 -12.33 -0.74 2.32
N LEU A 443 -12.81 0.16 1.45
CA LEU A 443 -13.39 -0.27 0.19
C LEU A 443 -12.33 -0.90 -0.72
N ILE A 444 -11.11 -0.35 -0.74
CA ILE A 444 -10.06 -0.94 -1.56
C ILE A 444 -9.64 -2.30 -1.01
N ILE A 445 -9.59 -2.46 0.31
CA ILE A 445 -9.26 -3.76 0.87
C ILE A 445 -10.31 -4.79 0.48
N GLY A 446 -11.59 -4.43 0.65
CA GLY A 446 -12.66 -5.34 0.26
C GLY A 446 -12.63 -5.65 -1.23
N LEU A 447 -12.37 -4.63 -2.05
CA LEU A 447 -12.34 -4.81 -3.49
C LEU A 447 -11.17 -5.67 -3.92
N ILE A 448 -10.01 -5.53 -3.27
CA ILE A 448 -8.86 -6.37 -3.58
C ILE A 448 -9.19 -7.82 -3.26
N GLY A 449 -9.80 -8.06 -2.10
CA GLY A 449 -10.25 -9.41 -1.79
C GLY A 449 -11.22 -9.95 -2.83
N GLU A 450 -12.17 -9.12 -3.26
CA GLU A 450 -13.17 -9.56 -4.22
C GLU A 450 -12.54 -9.87 -5.57
N ILE A 451 -11.65 -9.00 -6.06
CA ILE A 451 -11.01 -9.21 -7.35
C ILE A 451 -10.14 -10.45 -7.31
N LEU A 452 -9.42 -10.74 -6.22
CA LEU A 452 -8.62 -11.98 -6.16
C LEU A 452 -9.57 -13.15 -6.18
N TYR A 453 -10.58 -13.07 -5.35
CA TYR A 453 -11.47 -14.22 -5.29
C TYR A 453 -12.04 -14.54 -6.67
N CYS A 454 -12.50 -13.51 -7.39
CA CYS A 454 -13.08 -13.73 -8.71
C CYS A 454 -12.04 -14.22 -9.70
N ALA A 455 -10.84 -13.64 -9.67
CA ALA A 455 -9.79 -14.08 -10.59
C ALA A 455 -9.37 -15.51 -10.31
N VAL A 456 -9.24 -15.88 -9.03
CA VAL A 456 -8.84 -17.24 -8.70
C VAL A 456 -9.94 -18.23 -9.09
N GLY A 457 -11.21 -17.83 -8.90
CA GLY A 457 -12.29 -18.69 -9.35
C GLY A 457 -12.30 -18.91 -10.84
N ILE A 458 -12.11 -17.83 -11.60
CA ILE A 458 -12.02 -17.95 -13.05
C ILE A 458 -10.86 -18.86 -13.43
N ASP A 459 -9.71 -18.67 -12.79
CA ASP A 459 -8.54 -19.48 -13.10
C ASP A 459 -8.80 -20.95 -12.83
N VAL A 460 -9.40 -21.28 -11.68
CA VAL A 460 -9.59 -22.68 -11.32
C VAL A 460 -10.65 -23.33 -12.20
N PHE A 461 -11.67 -22.56 -12.58
CA PHE A 461 -12.74 -23.10 -13.44
C PHE A 461 -12.22 -23.19 -14.88
N ILE A 462 -11.02 -22.64 -15.12
CA ILE A 462 -10.42 -22.70 -16.48
C ILE A 462 -9.40 -23.83 -16.50
N THR A 463 -8.64 -24.00 -15.41
CA THR A 463 -7.56 -25.02 -15.39
C THR A 463 -8.11 -26.39 -15.01
N CYS A 464 -9.39 -26.49 -14.61
CA CYS A 464 -9.90 -27.77 -14.16
C CYS A 464 -11.20 -28.18 -14.84
N ALA A 474 -19.75 -23.34 -17.38
CA ALA A 474 -19.56 -21.92 -17.73
C ALA A 474 -20.50 -21.07 -16.88
N LEU A 475 -21.54 -21.66 -16.28
CA LEU A 475 -22.41 -20.85 -15.40
C LEU A 475 -21.54 -20.18 -14.31
N PRO A 476 -20.81 -20.90 -13.43
CA PRO A 476 -20.07 -20.24 -12.35
C PRO A 476 -19.03 -19.27 -12.93
N ALA A 477 -18.31 -19.70 -13.97
CA ALA A 477 -17.29 -18.84 -14.56
C ALA A 477 -17.91 -17.56 -15.12
N PHE A 478 -19.10 -17.66 -15.71
CA PHE A 478 -19.81 -16.47 -16.15
C PHE A 478 -20.21 -15.60 -14.96
N VAL A 479 -20.59 -16.23 -13.85
CA VAL A 479 -20.97 -15.48 -12.62
C VAL A 479 -19.75 -14.73 -12.11
N PHE A 480 -18.56 -15.34 -12.15
CA PHE A 480 -17.36 -14.72 -11.61
C PHE A 480 -17.02 -13.44 -12.37
N VAL A 481 -17.14 -13.46 -13.70
CA VAL A 481 -16.89 -12.25 -14.49
C VAL A 481 -17.91 -11.17 -14.14
N ILE A 482 -19.18 -11.56 -14.04
CA ILE A 482 -20.23 -10.60 -13.67
C ILE A 482 -19.97 -10.07 -12.27
N ARG A 483 -19.55 -10.94 -11.35
CA ARG A 483 -19.25 -10.48 -10.00
C ARG A 483 -18.10 -9.49 -9.98
N MET A 484 -17.04 -9.77 -10.75
CA MET A 484 -15.90 -8.85 -10.80
C MET A 484 -16.31 -7.50 -11.37
N ILE A 485 -17.05 -7.51 -12.47
CA ILE A 485 -17.49 -6.26 -13.08
C ILE A 485 -18.37 -5.50 -12.10
N GLN A 486 -19.28 -6.20 -11.42
CA GLN A 486 -20.18 -5.54 -10.48
C GLN A 486 -19.41 -4.92 -9.32
N VAL A 487 -18.46 -5.65 -8.75
CA VAL A 487 -17.76 -5.12 -7.58
C VAL A 487 -16.90 -3.92 -8.00
N VAL A 488 -16.29 -3.98 -9.17
CA VAL A 488 -15.46 -2.86 -9.62
C VAL A 488 -16.32 -1.63 -9.93
N VAL A 489 -17.41 -1.82 -10.67
CA VAL A 489 -18.28 -0.69 -11.00
C VAL A 489 -18.92 -0.12 -9.75
N GLN A 490 -19.28 -0.97 -8.79
CA GLN A 490 -19.86 -0.50 -7.54
C GLN A 490 -18.82 0.24 -6.70
N ALA A 491 -17.57 -0.21 -6.72
CA ALA A 491 -16.52 0.53 -6.02
C ALA A 491 -16.34 1.91 -6.61
N ALA A 492 -16.33 2.00 -7.95
CA ALA A 492 -16.26 3.31 -8.58
C ALA A 492 -17.46 4.17 -8.23
N PHE A 493 -18.66 3.56 -8.35
CA PHE A 493 -19.92 4.27 -8.06
C PHE A 493 -19.85 4.84 -6.64
N ILE A 494 -19.53 4.00 -5.66
CA ILE A 494 -19.54 4.49 -4.25
C ILE A 494 -18.48 5.59 -4.14
N LEU A 495 -17.21 5.28 -4.40
CA LEU A 495 -16.12 6.27 -4.20
C LEU A 495 -16.42 7.59 -4.93
N THR A 496 -17.22 7.57 -5.99
CA THR A 496 -17.58 8.83 -6.63
C THR A 496 -18.75 9.51 -5.95
N THR A 497 -19.86 8.80 -5.79
CA THR A 497 -21.05 9.40 -5.22
C THR A 497 -20.88 9.80 -3.76
N SER A 498 -19.84 9.28 -3.09
CA SER A 498 -19.52 9.68 -1.69
C SER A 498 -18.97 11.11 -1.68
N ARG A 499 -18.53 11.60 -2.84
CA ARG A 499 -18.07 12.97 -2.99
C ARG A 499 -19.08 13.86 -3.71
N LEU A 500 -20.28 13.34 -3.99
CA LEU A 500 -21.29 14.09 -4.72
C LEU A 500 -22.40 14.51 -3.78
N ARG A 501 -22.77 15.78 -3.82
CA ARG A 501 -23.81 16.33 -2.96
C ARG A 501 -24.80 17.11 -3.80
N CYS A 502 -26.06 16.93 -3.43
CA CYS A 502 -27.17 17.60 -4.11
C CYS A 502 -27.28 19.03 -3.59
N LEU A 503 -26.63 19.97 -4.26
CA LEU A 503 -26.61 21.38 -3.77
C LEU A 503 -27.36 22.30 -4.74
N SER A 504 -27.61 21.85 -5.97
CA SER A 504 -28.39 22.67 -6.94
C SER A 504 -29.85 22.74 -6.50
N LYS A 505 -30.55 23.82 -6.85
CA LYS A 505 -31.99 23.93 -6.52
C LYS A 505 -32.68 22.65 -6.98
N TYR A 506 -32.52 22.28 -8.25
CA TYR A 506 -33.13 21.03 -8.77
C TYR A 506 -32.55 19.84 -8.00
N SER A 507 -31.23 19.80 -7.81
CA SER A 507 -30.60 18.63 -7.17
C SER A 507 -31.17 18.46 -5.75
N MET A 508 -31.41 19.58 -5.05
CA MET A 508 -31.96 19.52 -3.68
C MET A 508 -33.43 19.13 -3.72
N LYS A 509 -34.13 19.45 -4.81
CA LYS A 509 -35.59 19.19 -4.88
C LYS A 509 -35.83 17.80 -5.49
N TYR A 510 -35.12 17.47 -6.56
CA TYR A 510 -35.34 16.18 -7.27
C TYR A 510 -34.59 15.06 -6.54
N LYS A 511 -33.55 15.41 -5.78
CA LYS A 511 -32.72 14.38 -5.11
C LYS A 511 -32.41 13.29 -6.14
N PRO A 512 -31.68 13.59 -7.24
CA PRO A 512 -31.46 12.62 -8.32
C PRO A 512 -30.66 11.39 -7.87
N GLY A 513 -31.22 10.19 -8.04
CA GLY A 513 -30.47 8.96 -7.73
C GLY A 513 -30.80 8.38 -6.36
N LYS A 514 -31.70 9.00 -5.59
CA LYS A 514 -31.93 8.44 -4.24
C LYS A 514 -32.42 7.01 -4.31
N GLU A 515 -33.45 6.80 -5.10
CA GLU A 515 -34.05 5.46 -5.17
C GLU A 515 -32.94 4.54 -5.65
N ILE A 516 -32.00 5.05 -6.43
CA ILE A 516 -30.87 4.15 -6.78
C ILE A 516 -30.12 3.81 -5.49
N ILE A 517 -29.77 4.82 -4.67
CA ILE A 517 -28.97 4.51 -3.45
C ILE A 517 -29.73 3.49 -2.60
N THR A 518 -31.02 3.72 -2.32
CA THR A 518 -31.76 2.81 -1.46
C THR A 518 -31.81 1.40 -2.06
N PHE A 519 -32.03 1.30 -3.37
CA PHE A 519 -32.06 -0.01 -4.01
C PHE A 519 -30.71 -0.71 -3.91
N LEU A 520 -29.63 0.02 -4.15
CA LEU A 520 -28.29 -0.56 -4.05
C LEU A 520 -27.97 -0.95 -2.62
N LEU A 521 -28.38 -0.15 -1.65
CA LEU A 521 -28.17 -0.49 -0.25
C LEU A 521 -28.93 -1.75 0.13
N VAL A 522 -30.17 -1.88 -0.35
CA VAL A 522 -30.94 -3.09 -0.07
C VAL A 522 -30.27 -4.30 -0.71
N SER A 523 -29.79 -4.16 -1.96
CA SER A 523 -29.11 -5.25 -2.62
C SER A 523 -27.84 -5.66 -1.88
N ASN A 524 -27.07 -4.67 -1.42
CA ASN A 524 -25.82 -4.98 -0.73
C ASN A 524 -26.07 -5.64 0.62
N VAL A 525 -27.05 -5.15 1.37
CA VAL A 525 -27.40 -5.79 2.64
C VAL A 525 -27.90 -7.20 2.40
N THR A 526 -28.71 -7.39 1.36
CA THR A 526 -29.20 -8.71 1.01
C THR A 526 -28.04 -9.64 0.67
N LEU A 527 -27.08 -9.16 -0.09
CA LEU A 527 -25.92 -9.98 -0.44
C LEU A 527 -25.10 -10.34 0.79
N PHE A 528 -24.90 -9.37 1.69
CA PHE A 528 -24.13 -9.63 2.90
C PHE A 528 -24.81 -10.70 3.75
N VAL A 529 -26.11 -10.54 3.99
CA VAL A 529 -26.85 -11.53 4.78
C VAL A 529 -26.85 -12.88 4.09
N PHE A 530 -27.10 -12.89 2.77
CA PHE A 530 -27.23 -14.13 2.03
C PHE A 530 -25.94 -14.92 2.01
N HIS A 531 -24.81 -14.22 1.82
CA HIS A 531 -23.51 -14.89 1.84
C HIS A 531 -23.12 -15.31 3.26
N THR A 532 -23.70 -14.71 4.29
CA THR A 532 -23.36 -15.21 5.65
C THR A 532 -24.08 -16.51 5.95
N PHE A 533 -25.39 -16.57 5.68
CA PHE A 533 -26.17 -17.77 6.07
C PHE A 533 -25.94 -18.90 5.09
N GLU A 534 -25.11 -18.69 4.09
CA GLU A 534 -24.89 -19.73 3.07
C GLU A 534 -23.44 -20.17 3.18
N GLY A 535 -22.63 -19.41 3.91
CA GLY A 535 -21.20 -19.74 4.07
C GLY A 535 -20.67 -20.55 2.90
N TYR A 550 -4.95 -23.01 -3.13
CA TYR A 550 -6.23 -22.72 -3.84
C TYR A 550 -7.39 -22.81 -2.84
N ASN A 551 -7.10 -23.09 -1.58
CA ASN A 551 -8.12 -23.11 -0.50
C ASN A 551 -7.63 -22.15 0.57
N TYR A 552 -6.39 -21.70 0.42
CA TYR A 552 -5.77 -20.79 1.41
C TYR A 552 -6.13 -19.40 0.97
N ILE A 553 -6.16 -19.13 -0.32
CA ILE A 553 -6.63 -17.77 -0.74
C ILE A 553 -8.11 -17.69 -0.45
N ILE A 554 -8.84 -18.77 -0.73
CA ILE A 554 -10.29 -18.79 -0.43
C ILE A 554 -10.51 -18.48 1.05
N TYR A 555 -9.78 -19.13 1.96
CA TYR A 555 -10.08 -18.82 3.35
C TYR A 555 -9.59 -17.41 3.72
N ALA A 556 -8.43 -17.02 3.19
CA ALA A 556 -7.87 -15.71 3.54
C ALA A 556 -8.75 -14.57 3.05
N VAL A 557 -9.29 -14.70 1.83
CA VAL A 557 -10.15 -13.65 1.27
C VAL A 557 -11.61 -13.89 1.55
N GLY A 558 -11.96 -14.96 2.26
CA GLY A 558 -13.33 -15.23 2.64
C GLY A 558 -14.00 -14.08 3.36
N PRO A 559 -13.47 -13.67 4.52
CA PRO A 559 -14.07 -12.54 5.23
C PRO A 559 -14.01 -11.24 4.46
N LEU A 560 -13.08 -11.10 3.51
CA LEU A 560 -12.98 -9.85 2.75
C LEU A 560 -14.21 -9.62 1.89
N LEU A 561 -14.81 -10.69 1.36
CA LEU A 561 -15.99 -10.53 0.51
C LEU A 561 -17.15 -9.93 1.29
N VAL A 562 -17.49 -10.56 2.42
CA VAL A 562 -18.61 -10.07 3.22
C VAL A 562 -18.27 -8.74 3.86
N PHE A 563 -16.99 -8.48 4.16
CA PHE A 563 -16.64 -7.14 4.64
C PHE A 563 -16.84 -6.10 3.55
N TYR A 564 -16.54 -6.44 2.29
CA TYR A 564 -16.78 -5.52 1.20
C TYR A 564 -18.26 -5.21 1.08
N ARG A 565 -19.10 -6.25 1.22
CA ARG A 565 -20.57 -6.06 1.15
C ARG A 565 -21.02 -5.16 2.30
N PHE A 566 -20.52 -5.40 3.52
CA PHE A 566 -20.92 -4.61 4.68
C PHE A 566 -20.47 -3.16 4.54
N HIS A 567 -19.23 -2.99 4.07
CA HIS A 567 -18.69 -1.61 3.93
C HIS A 567 -19.48 -0.87 2.85
N SER A 568 -19.81 -1.57 1.76
CA SER A 568 -20.61 -0.95 0.71
C SER A 568 -21.97 -0.52 1.25
N SER A 569 -22.59 -1.35 2.07
CA SER A 569 -23.86 -0.98 2.70
C SER A 569 -23.68 0.24 3.60
N ALA A 570 -22.61 0.25 4.40
CA ALA A 570 -22.37 1.36 5.32
C ALA A 570 -22.11 2.66 4.57
N CYS A 571 -21.38 2.58 3.46
CA CYS A 571 -21.16 3.76 2.64
C CYS A 571 -22.44 4.24 1.98
N LEU A 572 -23.25 3.30 1.46
CA LEU A 572 -24.48 3.69 0.78
C LEU A 572 -25.47 4.33 1.75
N ALA A 573 -25.55 3.82 2.98
CA ALA A 573 -26.35 4.48 4.00
C ALA A 573 -25.83 5.88 4.27
N GLU A 574 -24.50 6.04 4.32
CA GLU A 574 -23.91 7.37 4.46
C GLU A 574 -24.21 8.22 3.23
N ILE A 575 -24.12 7.64 2.03
CA ILE A 575 -24.42 8.39 0.82
C ILE A 575 -25.89 8.78 0.78
N TRP A 576 -26.76 7.85 1.15
CA TRP A 576 -28.22 8.15 1.14
C TRP A 576 -28.49 9.37 2.02
N LYS A 577 -27.73 9.55 3.10
CA LYS A 577 -27.99 10.63 4.03
C LYS A 577 -27.22 11.90 3.66
N HIS A 578 -25.92 11.78 3.40
CA HIS A 578 -25.09 12.98 3.24
C HIS A 578 -25.35 13.67 1.91
N THR A 579 -25.50 12.90 0.84
CA THR A 579 -25.77 13.50 -0.48
C THR A 579 -27.11 14.21 -0.49
N TYR A 580 -28.14 13.58 0.08
CA TYR A 580 -29.51 14.10 0.02
C TYR A 580 -29.88 14.68 1.38
N SER A 581 -29.52 15.93 1.61
CA SER A 581 -29.89 16.66 2.82
C SER A 581 -30.46 18.01 2.41
N TYR B 50 -19.91 24.66 -7.22
CA TYR B 50 -20.56 25.92 -7.54
C TYR B 50 -22.03 25.62 -7.77
N ARG B 51 -22.41 25.44 -9.04
CA ARG B 51 -23.65 24.80 -9.41
C ARG B 51 -23.49 23.85 -10.59
N ARG B 52 -22.32 23.84 -11.23
CA ARG B 52 -22.11 23.01 -12.40
C ARG B 52 -22.09 21.53 -12.03
N PRO B 53 -22.42 20.66 -12.97
CA PRO B 53 -22.30 19.21 -12.71
C PRO B 53 -20.84 18.80 -12.52
N TRP B 54 -20.66 17.72 -11.77
CA TRP B 54 -19.30 17.21 -11.53
C TRP B 54 -18.65 16.70 -12.79
N ILE B 55 -19.42 16.34 -13.81
CA ILE B 55 -18.83 15.92 -15.07
C ILE B 55 -18.17 17.10 -15.77
N HIS B 56 -18.31 18.29 -15.23
CA HIS B 56 -17.77 19.49 -15.89
C HIS B 56 -16.99 20.29 -14.86
N GLU B 57 -16.74 19.68 -13.69
CA GLU B 57 -15.90 20.32 -12.65
C GLU B 57 -14.49 19.72 -12.78
N PRO B 58 -13.44 20.52 -13.09
CA PRO B 58 -12.09 19.97 -13.25
C PRO B 58 -11.63 18.99 -12.19
N ARG B 59 -11.67 19.37 -10.92
CA ARG B 59 -11.13 18.52 -9.82
C ARG B 59 -12.07 17.36 -9.55
N ALA B 60 -13.25 17.38 -10.14
CA ALA B 60 -14.17 16.26 -10.02
C ALA B 60 -13.82 15.28 -11.12
N THR B 61 -13.54 15.84 -12.31
CA THR B 61 -13.15 14.99 -13.43
C THR B 61 -11.75 14.43 -13.23
N ASN B 62 -10.90 15.20 -12.55
CA ASN B 62 -9.54 14.71 -12.24
C ASN B 62 -9.66 13.41 -11.43
N PHE B 63 -10.26 13.49 -10.23
CA PHE B 63 -10.38 12.29 -9.38
C PHE B 63 -11.08 11.21 -10.19
N PHE B 64 -12.18 11.51 -10.88
CA PHE B 64 -12.84 10.38 -11.53
C PHE B 64 -11.88 9.64 -12.44
N VAL B 65 -11.09 10.36 -13.23
CA VAL B 65 -10.13 9.71 -14.12
C VAL B 65 -9.04 9.00 -13.30
N ARG B 66 -8.58 9.64 -12.22
CA ARG B 66 -7.61 9.00 -11.34
C ARG B 66 -8.15 7.70 -10.78
N LEU B 67 -9.39 7.72 -10.30
CA LEU B 67 -9.99 6.52 -9.72
C LEU B 67 -10.18 5.43 -10.77
N ILE B 68 -10.66 5.80 -11.96
CA ILE B 68 -10.87 4.80 -13.01
C ILE B 68 -9.55 4.16 -13.43
N THR B 69 -8.51 4.97 -13.64
CA THR B 69 -7.23 4.43 -14.04
C THR B 69 -6.60 3.59 -12.94
N SER B 70 -6.74 4.03 -11.68
CA SER B 70 -6.20 3.25 -10.57
C SER B 70 -6.92 1.92 -10.43
N LEU B 71 -8.24 1.91 -10.63
CA LEU B 71 -8.98 0.64 -10.60
C LEU B 71 -8.55 -0.26 -11.75
N TYR B 72 -8.35 0.30 -12.94
CA TYR B 72 -7.88 -0.49 -14.06
C TYR B 72 -6.52 -1.11 -13.76
N ALA B 73 -5.61 -0.32 -13.20
CA ALA B 73 -4.29 -0.85 -12.84
C ALA B 73 -4.38 -1.90 -11.75
N LEU B 74 -5.26 -1.68 -10.76
CA LEU B 74 -5.42 -2.66 -9.69
C LEU B 74 -5.94 -3.98 -10.23
N ILE B 75 -6.97 -3.94 -11.07
CA ILE B 75 -7.51 -5.16 -11.66
C ILE B 75 -6.44 -5.86 -12.48
N LEU B 76 -5.74 -5.12 -13.32
CA LEU B 76 -4.80 -5.74 -14.24
C LEU B 76 -3.59 -6.29 -13.49
N THR B 77 -3.15 -5.61 -12.44
CA THR B 77 -2.06 -6.11 -11.61
C THR B 77 -2.46 -7.37 -10.86
N ILE B 78 -3.67 -7.40 -10.28
CA ILE B 78 -4.12 -8.60 -9.60
C ILE B 78 -4.25 -9.76 -10.57
N ILE B 79 -4.82 -9.51 -11.76
CA ILE B 79 -4.96 -10.55 -12.76
C ILE B 79 -3.59 -11.05 -13.22
N SER B 80 -2.64 -10.13 -13.40
CA SER B 80 -1.29 -10.51 -13.78
C SER B 80 -0.65 -11.38 -12.71
N LEU B 81 -0.90 -11.13 -11.45
CA LEU B 81 -0.35 -12.06 -10.45
C LEU B 81 -0.96 -13.45 -10.64
N VAL B 82 -2.28 -13.61 -10.67
CA VAL B 82 -2.86 -14.98 -10.75
C VAL B 82 -2.32 -15.65 -12.01
N VAL B 83 -2.17 -14.92 -13.11
CA VAL B 83 -1.77 -15.60 -14.38
C VAL B 83 -0.29 -15.90 -14.40
N GLU B 84 0.46 -15.34 -13.49
CA GLU B 84 1.93 -15.50 -13.58
C GLU B 84 2.45 -16.20 -12.33
N VAL B 85 1.57 -16.47 -11.38
CA VAL B 85 1.96 -17.19 -10.13
C VAL B 85 1.09 -18.44 -10.05
N SER B 86 0.27 -18.67 -11.07
CA SER B 86 -0.56 -19.89 -11.15
C SER B 86 0.31 -21.09 -11.43
N PRO B 87 -0.18 -22.34 -11.30
CA PRO B 87 0.62 -23.52 -11.66
C PRO B 87 0.98 -23.54 -13.16
N TRP B 94 -1.13 -22.40 -22.54
CA TRP B 94 0.03 -21.47 -22.58
C TRP B 94 -0.33 -20.25 -23.42
N LEU B 95 -1.17 -20.43 -24.44
CA LEU B 95 -1.58 -19.30 -25.31
C LEU B 95 -2.20 -18.21 -24.44
N ALA B 96 -3.04 -18.59 -23.47
CA ALA B 96 -3.67 -17.60 -22.57
C ALA B 96 -2.62 -16.62 -22.07
N GLU B 97 -1.46 -17.14 -21.66
CA GLU B 97 -0.39 -16.26 -21.17
C GLU B 97 0.21 -15.64 -22.41
N THR B 98 0.48 -16.45 -23.40
CA THR B 98 1.16 -15.84 -24.55
C THR B 98 0.41 -14.63 -25.07
N ILE B 99 -0.90 -14.78 -25.32
CA ILE B 99 -1.67 -13.68 -25.86
C ILE B 99 -1.76 -12.54 -24.85
N PHE B 100 -1.83 -12.87 -23.56
CA PHE B 100 -1.80 -11.86 -22.52
C PHE B 100 -0.46 -11.12 -22.49
N TYR B 101 0.64 -11.88 -22.59
CA TYR B 101 1.98 -11.30 -22.63
C TYR B 101 2.11 -10.30 -23.77
N ILE B 102 1.76 -10.76 -24.98
CA ILE B 102 1.90 -9.92 -26.16
C ILE B 102 0.94 -8.75 -26.10
N SER B 103 -0.24 -8.95 -25.53
CA SER B 103 -1.20 -7.85 -25.39
C SER B 103 -0.66 -6.77 -24.46
N MET B 104 -0.08 -7.16 -23.32
CA MET B 104 0.42 -6.18 -22.37
C MET B 104 1.58 -5.38 -22.96
N TYR B 105 2.57 -6.07 -23.52
CA TYR B 105 3.64 -5.35 -24.20
C TYR B 105 3.17 -4.56 -25.41
N GLY B 106 2.23 -5.08 -26.19
CA GLY B 106 1.77 -4.35 -27.36
C GLY B 106 1.03 -3.09 -27.00
N VAL B 107 0.18 -3.15 -25.98
CA VAL B 107 -0.51 -1.95 -25.53
C VAL B 107 0.47 -0.95 -24.95
N GLY B 108 1.48 -1.43 -24.21
CA GLY B 108 2.51 -0.53 -23.73
C GLY B 108 3.26 0.17 -24.86
N ILE B 109 3.64 -0.59 -25.88
CA ILE B 109 4.34 -0.02 -27.02
C ILE B 109 3.44 0.95 -27.78
N LEU B 110 2.15 0.62 -27.91
CA LEU B 110 1.22 1.53 -28.57
C LEU B 110 1.10 2.85 -27.82
N PHE B 111 1.02 2.78 -26.49
CA PHE B 111 1.01 4.00 -25.69
C PHE B 111 2.30 4.78 -25.86
N PHE B 112 3.43 4.09 -25.89
CA PHE B 112 4.71 4.77 -26.09
C PHE B 112 4.76 5.47 -27.44
N ALA B 113 4.28 4.81 -28.49
CA ALA B 113 4.22 5.42 -29.80
C ALA B 113 3.30 6.63 -29.81
N TYR B 114 2.16 6.53 -29.12
CA TYR B 114 1.27 7.68 -29.02
C TYR B 114 1.97 8.85 -28.33
N CYS B 115 2.71 8.58 -27.25
CA CYS B 115 3.43 9.64 -26.57
C CYS B 115 4.54 10.22 -27.45
N TYR B 116 5.28 9.35 -28.13
CA TYR B 116 6.41 9.82 -28.94
C TYR B 116 5.92 10.61 -30.15
N ILE B 117 4.91 10.09 -30.85
CA ILE B 117 4.43 10.75 -32.06
C ILE B 117 3.69 12.04 -31.72
N PHE B 118 2.82 12.02 -30.71
CA PHE B 118 1.90 13.12 -30.47
C PHE B 118 2.32 14.07 -29.35
N ILE B 119 3.17 13.65 -28.42
CA ILE B 119 3.50 14.52 -27.28
C ILE B 119 4.96 14.94 -27.34
N ILE B 120 5.88 13.97 -27.25
CA ILE B 120 7.29 14.30 -27.10
C ILE B 120 7.85 14.87 -28.39
N TYR B 121 7.53 14.24 -29.53
CA TYR B 121 8.05 14.64 -30.84
C TYR B 121 6.89 14.84 -31.80
N PRO B 122 6.14 15.93 -31.65
CA PRO B 122 5.01 16.18 -32.56
C PRO B 122 5.40 16.83 -33.88
N GLY B 123 6.69 17.05 -34.12
CA GLY B 123 7.16 17.67 -35.34
C GLY B 123 6.70 16.96 -36.59
N PRO B 124 7.11 15.70 -36.77
CA PRO B 124 6.69 14.97 -37.97
C PRO B 124 5.18 14.86 -38.12
N TYR B 125 4.46 14.94 -37.02
CA TYR B 125 2.98 14.95 -37.17
C TYR B 125 2.58 16.35 -37.59
N ASN B 126 3.25 17.36 -37.03
CA ASN B 126 2.90 18.76 -37.36
C ASN B 126 3.19 18.98 -38.85
N GLN B 127 4.31 18.46 -39.35
CA GLN B 127 4.61 18.55 -40.80
C GLN B 127 3.38 18.06 -41.55
N LEU B 128 3.08 16.78 -41.40
CA LEU B 128 1.94 16.19 -42.15
C LEU B 128 0.71 17.09 -42.20
N ILE B 129 0.28 17.62 -41.08
CA ILE B 129 -0.99 18.42 -41.12
C ILE B 129 -0.70 19.53 -42.13
N SER B 130 0.47 20.17 -42.04
CA SER B 130 0.83 21.26 -42.99
C SER B 130 0.98 20.70 -44.42
N VAL B 131 1.66 19.56 -44.55
CA VAL B 131 1.79 18.93 -45.89
C VAL B 131 0.38 18.71 -46.44
N LEU B 132 -0.56 18.26 -45.60
CA LEU B 132 -1.97 18.11 -46.04
C LEU B 132 -2.56 19.51 -46.25
N ARG B 133 -2.15 20.48 -45.42
CA ARG B 133 -2.65 21.87 -45.57
C ARG B 133 -2.20 22.41 -46.93
N LYS B 134 -1.12 21.85 -47.50
CA LYS B 134 -0.71 22.28 -48.85
C LYS B 134 -1.65 21.61 -49.85
N TYR B 135 -1.73 20.27 -49.81
CA TYR B 135 -2.69 19.55 -50.68
C TYR B 135 -4.08 19.73 -50.07
N LYS B 136 -4.55 20.98 -50.01
CA LYS B 136 -5.88 21.25 -49.40
C LYS B 136 -6.79 21.92 -50.44
N TRP B 144 -6.06 24.84 -36.03
CA TRP B 144 -6.99 23.73 -36.37
C TRP B 144 -6.61 22.49 -35.56
N PHE B 145 -5.56 21.77 -35.98
CA PHE B 145 -5.14 20.52 -35.28
C PHE B 145 -3.63 20.33 -35.43
N ILE B 146 -2.82 21.20 -34.83
CA ILE B 146 -1.35 21.02 -34.87
C ILE B 146 -0.88 20.84 -33.41
N MET B 147 -0.07 19.82 -33.12
CA MET B 147 0.30 19.50 -31.72
C MET B 147 1.42 20.42 -31.21
N GLN B 148 1.12 21.25 -30.23
CA GLN B 148 2.13 22.16 -29.63
C GLN B 148 3.31 21.39 -29.05
N SER B 149 4.42 22.08 -28.82
CA SER B 149 5.63 21.39 -28.32
C SER B 149 5.87 21.70 -26.84
N GLN B 150 4.81 22.02 -26.09
CA GLN B 150 4.95 22.23 -24.63
C GLN B 150 5.80 21.11 -24.04
N HIS B 151 6.79 21.44 -23.20
CA HIS B 151 7.65 20.42 -22.56
C HIS B 151 8.12 20.95 -21.20
N ASN B 152 8.99 20.20 -20.52
CA ASN B 152 9.48 20.63 -19.18
C ASN B 152 10.89 20.09 -18.94
N GLY B 153 11.53 20.53 -17.86
CA GLY B 153 12.87 20.02 -17.51
C GLY B 153 12.80 19.26 -16.20
N GLU B 154 11.67 19.36 -15.49
CA GLU B 154 11.49 18.63 -14.21
C GLU B 154 11.33 17.14 -14.51
N GLY B 155 12.31 16.32 -14.11
CA GLY B 155 12.20 14.86 -14.32
C GLY B 155 11.41 14.19 -13.22
N ALA B 156 11.20 12.88 -13.33
CA ALA B 156 10.48 12.15 -12.26
C ALA B 156 11.49 11.30 -11.50
N GLY B 157 12.76 11.62 -11.61
CA GLY B 157 13.72 10.85 -10.84
C GLY B 157 15.08 11.51 -10.90
N THR B 158 15.96 11.07 -10.00
CA THR B 158 17.29 11.63 -9.94
C THR B 158 18.16 11.06 -11.06
N LEU B 159 19.26 11.74 -11.34
CA LEU B 159 20.18 11.31 -12.38
C LEU B 159 20.73 9.92 -12.08
N TYR B 160 21.13 9.68 -10.84
CA TYR B 160 21.68 8.37 -10.48
C TYR B 160 20.63 7.28 -10.60
N LEU B 161 19.40 7.56 -10.20
CA LEU B 161 18.32 6.58 -10.33
C LEU B 161 18.05 6.26 -11.80
N ARG B 162 18.06 7.27 -12.66
CA ARG B 162 17.80 7.03 -14.07
C ARG B 162 18.96 6.30 -14.74
N LEU B 163 20.19 6.59 -14.32
CA LEU B 163 21.33 5.82 -14.83
C LEU B 163 21.27 4.38 -14.38
N GLY B 164 20.87 4.14 -13.12
CA GLY B 164 20.64 2.78 -12.67
C GLY B 164 19.55 2.09 -13.47
N ALA B 165 18.50 2.83 -13.81
CA ALA B 165 17.45 2.28 -14.66
C ALA B 165 18.00 1.89 -16.02
N LEU B 166 18.82 2.75 -16.62
CA LEU B 166 19.44 2.42 -17.91
C LEU B 166 20.29 1.17 -17.81
N PHE B 167 21.11 1.07 -16.75
CA PHE B 167 21.98 -0.08 -16.59
C PHE B 167 21.18 -1.37 -16.38
N PHE B 168 20.19 -1.34 -15.50
CA PHE B 168 19.40 -2.53 -15.21
C PHE B 168 18.55 -2.93 -16.41
N GLY B 169 18.02 -1.96 -17.14
CA GLY B 169 17.31 -2.29 -18.36
C GLY B 169 18.21 -2.85 -19.44
N SER B 170 19.45 -2.35 -19.52
CA SER B 170 20.41 -2.93 -20.46
C SER B 170 20.72 -4.38 -20.13
N VAL B 171 20.82 -4.65 -18.84
CA VAL B 171 21.14 -6.03 -18.39
C VAL B 171 19.88 -6.90 -18.58
N GLY B 172 18.68 -6.33 -18.53
CA GLY B 172 17.45 -7.04 -18.85
C GLY B 172 17.33 -7.35 -20.34
N ILE B 173 17.75 -6.40 -21.19
CA ILE B 173 17.78 -6.66 -22.63
C ILE B 173 18.81 -7.73 -22.96
N VAL B 174 19.93 -7.74 -22.25
CA VAL B 174 20.90 -8.83 -22.45
C VAL B 174 20.25 -10.17 -22.14
N LEU B 175 19.49 -10.23 -21.05
CA LEU B 175 18.77 -11.44 -20.69
C LEU B 175 17.79 -11.84 -21.79
N PHE B 176 16.94 -10.89 -22.20
CA PHE B 176 15.93 -11.18 -23.21
C PHE B 176 16.57 -11.63 -24.51
N GLY B 177 17.66 -10.98 -24.93
CA GLY B 177 18.38 -11.43 -26.11
C GLY B 177 18.99 -12.80 -25.93
N LEU B 178 19.41 -13.12 -24.71
CA LEU B 178 19.98 -14.44 -24.45
C LEU B 178 18.95 -15.53 -24.71
N GLU B 179 17.76 -15.41 -24.11
CA GLU B 179 16.74 -16.43 -24.41
C GLU B 179 16.19 -16.29 -25.83
N LEU B 180 16.26 -15.11 -26.45
CA LEU B 180 15.94 -15.03 -27.88
C LEU B 180 16.88 -15.88 -28.71
N PHE B 181 18.18 -15.78 -28.46
CA PHE B 181 19.15 -16.60 -29.18
C PHE B 181 18.95 -18.07 -28.85
N LEU B 182 18.67 -18.39 -27.60
CA LEU B 182 18.50 -19.78 -27.20
C LEU B 182 17.24 -20.37 -27.80
N CYS B 183 16.31 -19.50 -28.21
CA CYS B 183 15.10 -19.97 -28.92
C CYS B 183 15.44 -20.25 -30.39
N ILE B 184 15.86 -19.21 -31.15
CA ILE B 184 16.19 -19.39 -32.58
C ILE B 184 17.13 -20.59 -32.75
N GLU B 185 18.29 -20.54 -32.10
CA GLU B 185 19.30 -21.61 -32.31
C GLU B 185 18.93 -22.95 -31.68
N ASN B 186 17.74 -23.08 -31.12
CA ASN B 186 17.28 -24.41 -30.67
C ASN B 186 16.18 -24.97 -31.58
N VAL B 187 15.51 -26.04 -31.16
CA VAL B 187 14.50 -26.69 -32.05
C VAL B 187 13.24 -26.99 -31.24
N ALA B 188 13.01 -26.29 -30.13
CA ALA B 188 11.88 -26.69 -29.26
C ALA B 188 10.85 -25.57 -29.15
N CYS B 189 11.28 -24.32 -29.25
CA CYS B 189 10.36 -23.18 -29.06
C CYS B 189 9.68 -22.84 -30.39
N LYS B 190 9.05 -21.67 -30.47
CA LYS B 190 8.28 -21.28 -31.67
C LYS B 190 8.31 -19.78 -31.92
N LYS B 191 7.70 -19.34 -33.01
CA LYS B 191 7.58 -17.88 -33.22
C LYS B 191 6.93 -17.35 -31.95
N VAL B 192 5.97 -18.11 -31.41
CA VAL B 192 5.35 -17.72 -30.12
C VAL B 192 6.39 -17.21 -29.13
N ALA B 193 7.59 -17.80 -29.13
CA ALA B 193 8.66 -17.36 -28.19
C ALA B 193 9.29 -16.13 -28.82
N ILE B 194 9.87 -16.27 -30.02
CA ILE B 194 10.57 -15.13 -30.67
C ILE B 194 9.75 -13.86 -30.53
N ALA B 195 8.50 -13.88 -31.01
CA ALA B 195 7.66 -12.65 -31.05
C ALA B 195 7.63 -12.04 -29.65
N LYS B 196 7.24 -12.81 -28.64
CA LYS B 196 7.08 -12.23 -27.31
C LYS B 196 8.41 -11.71 -26.78
N MET B 197 9.51 -12.39 -27.12
CA MET B 197 10.80 -11.89 -26.67
C MET B 197 11.19 -10.61 -27.41
N ILE B 198 10.85 -10.53 -28.71
CA ILE B 198 11.07 -9.29 -29.47
C ILE B 198 10.28 -8.14 -28.87
N VAL B 199 9.01 -8.37 -28.54
CA VAL B 199 8.23 -7.27 -27.97
C VAL B 199 8.74 -6.91 -26.59
N ALA B 200 9.27 -7.88 -25.84
CA ALA B 200 9.89 -7.57 -24.55
C ALA B 200 11.10 -6.66 -24.74
N ILE B 201 11.98 -6.99 -25.69
CA ILE B 201 13.16 -6.18 -25.93
C ILE B 201 12.77 -4.78 -26.40
N VAL B 202 11.83 -4.70 -27.32
CA VAL B 202 11.42 -3.40 -27.86
C VAL B 202 10.80 -2.54 -26.76
N PHE B 203 9.90 -3.13 -25.98
CA PHE B 203 9.27 -2.39 -24.90
C PHE B 203 10.30 -1.93 -23.87
N THR B 204 11.24 -2.82 -23.52
CA THR B 204 12.23 -2.45 -22.52
C THR B 204 13.10 -1.30 -22.99
N PHE B 205 13.58 -1.37 -24.23
CA PHE B 205 14.44 -0.30 -24.75
C PHE B 205 13.68 1.03 -24.85
N ILE B 206 12.45 0.98 -25.38
CA ILE B 206 11.65 2.20 -25.45
C ILE B 206 11.45 2.77 -24.05
N GLN B 207 11.22 1.90 -23.07
CA GLN B 207 10.97 2.39 -21.71
C GLN B 207 12.23 2.98 -21.09
N MET B 208 13.40 2.40 -21.35
CA MET B 208 14.63 3.03 -20.84
C MET B 208 14.80 4.41 -21.44
N HIS B 209 14.57 4.52 -22.75
CA HIS B 209 14.70 5.83 -23.40
C HIS B 209 13.72 6.83 -22.80
N PHE B 210 12.49 6.37 -22.56
CA PHE B 210 11.43 7.25 -22.00
C PHE B 210 11.81 7.65 -20.57
N ILE B 211 12.20 6.68 -19.74
CA ILE B 211 12.59 7.01 -18.33
C ILE B 211 13.71 8.03 -18.37
N PHE B 212 14.82 7.71 -19.03
CA PHE B 212 15.96 8.61 -19.00
C PHE B 212 15.61 10.01 -19.52
N CYS B 213 14.48 10.12 -20.22
CA CYS B 213 14.01 11.46 -20.70
C CYS B 213 12.59 11.70 -20.21
N ASN B 214 12.31 11.47 -18.92
CA ASN B 214 10.93 11.61 -18.38
C ASN B 214 10.66 13.06 -17.96
N SER B 215 11.30 14.03 -18.63
CA SER B 215 11.14 15.46 -18.23
C SER B 215 10.26 16.19 -19.24
N LYS B 216 10.69 16.24 -20.51
CA LYS B 216 9.94 16.96 -21.56
C LYS B 216 8.50 16.41 -21.63
N ILE B 217 8.26 15.22 -21.07
CA ILE B 217 6.90 14.63 -21.22
C ILE B 217 5.86 15.55 -20.58
N THR B 218 4.86 15.99 -21.35
CA THR B 218 3.77 16.83 -20.80
C THR B 218 2.59 15.91 -20.46
N VAL B 219 2.57 15.28 -19.30
CA VAL B 219 1.47 14.32 -19.06
C VAL B 219 0.18 15.08 -19.27
N ASN B 220 0.23 16.41 -19.19
CA ASN B 220 -1.00 17.24 -19.24
C ASN B 220 -1.42 17.78 -20.60
N SER B 221 -1.05 17.09 -21.67
CA SER B 221 -1.53 17.49 -23.00
C SER B 221 -2.61 16.50 -23.41
N SER B 222 -2.33 15.21 -23.42
CA SER B 222 -3.39 14.18 -23.63
C SER B 222 -3.61 13.55 -22.26
N ARG B 223 -4.23 14.27 -21.35
CA ARG B 223 -4.27 13.81 -19.95
C ARG B 223 -5.22 12.70 -19.58
N LYS B 224 -5.83 11.98 -20.47
CA LYS B 224 -6.65 10.84 -20.03
C LYS B 224 -6.16 9.59 -20.69
N ILE B 225 -5.28 9.79 -21.67
CA ILE B 225 -4.72 8.56 -22.30
C ILE B 225 -3.37 8.41 -21.63
N VAL B 226 -2.79 9.53 -21.23
CA VAL B 226 -1.53 9.44 -20.47
C VAL B 226 -1.91 8.90 -19.11
N ALA B 227 -3.13 9.13 -18.65
CA ALA B 227 -3.44 8.49 -17.38
C ALA B 227 -3.60 6.99 -17.53
N PHE B 228 -4.42 6.59 -18.52
CA PHE B 228 -4.62 5.15 -18.80
C PHE B 228 -3.27 4.52 -19.17
N GLY B 229 -2.46 5.24 -19.96
CA GLY B 229 -1.18 4.69 -20.40
C GLY B 229 -0.19 4.49 -19.26
N MET B 230 -0.08 5.48 -18.37
CA MET B 230 0.82 5.34 -17.23
C MET B 230 0.37 4.22 -16.30
N MET B 231 -0.94 4.11 -16.06
CA MET B 231 -1.39 3.00 -15.23
C MET B 231 -1.15 1.65 -15.90
N HIS B 232 -1.33 1.58 -17.21
CA HIS B 232 -1.01 0.34 -17.93
C HIS B 232 0.47 0.03 -17.85
N LEU B 233 1.32 1.04 -17.93
CA LEU B 233 2.76 0.82 -17.85
C LEU B 233 3.16 0.35 -16.46
N ILE B 234 2.54 0.93 -15.42
CA ILE B 234 2.77 0.44 -14.06
C ILE B 234 2.37 -1.02 -13.96
N SER B 235 1.21 -1.37 -14.53
CA SER B 235 0.77 -2.75 -14.52
C SER B 235 1.76 -3.66 -15.23
N VAL B 236 2.28 -3.19 -16.37
CA VAL B 236 3.24 -3.98 -17.13
C VAL B 236 4.53 -4.19 -16.35
N ASN B 237 5.03 -3.14 -15.70
CA ASN B 237 6.25 -3.27 -14.91
C ASN B 237 6.06 -4.20 -13.72
N LEU B 238 4.94 -4.05 -12.99
CA LEU B 238 4.66 -4.92 -11.87
C LEU B 238 4.47 -6.36 -12.31
N TRP B 239 3.83 -6.56 -13.46
CA TRP B 239 3.63 -7.89 -14.00
C TRP B 239 4.95 -8.53 -14.41
N THR B 240 5.85 -7.74 -15.00
CA THR B 240 7.18 -8.25 -15.32
C THR B 240 7.92 -8.65 -14.06
N TRP B 241 7.81 -7.84 -12.99
CA TRP B 241 8.37 -8.24 -11.71
C TRP B 241 7.78 -9.56 -11.24
N PHE B 242 6.46 -9.70 -11.33
CA PHE B 242 5.81 -10.94 -10.93
C PHE B 242 6.27 -12.14 -11.75
N ARG B 243 6.66 -11.92 -13.01
CA ARG B 243 7.16 -12.99 -13.84
C ARG B 243 8.49 -13.55 -13.32
N PHE B 244 9.17 -12.82 -12.45
CA PHE B 244 10.51 -13.20 -12.00
C PHE B 244 10.57 -13.40 -10.48
N VAL B 245 9.42 -13.50 -9.80
CA VAL B 245 9.43 -13.78 -8.34
C VAL B 245 9.39 -15.30 -8.15
N LEU B 246 9.47 -16.05 -9.24
CA LEU B 246 9.34 -17.53 -9.19
C LEU B 246 10.57 -18.19 -9.83
N ALA B 247 11.17 -19.16 -9.14
CA ALA B 247 12.37 -19.85 -9.68
C ALA B 247 11.94 -20.88 -10.73
N LYS B 248 12.57 -20.86 -11.90
CA LYS B 248 12.24 -21.82 -12.99
C LYS B 248 13.35 -22.88 -13.08
N PHE B 312 26.04 -20.92 -15.52
CA PHE B 312 26.46 -20.42 -14.21
C PHE B 312 25.24 -19.99 -13.44
N GLY B 313 25.14 -20.45 -12.19
CA GLY B 313 24.05 -20.01 -11.33
C GLY B 313 24.22 -18.59 -10.82
N ASP B 314 25.45 -18.08 -10.81
CA ASP B 314 25.68 -16.70 -10.39
C ASP B 314 25.22 -15.70 -11.45
N VAL B 315 25.47 -15.99 -12.72
CA VAL B 315 25.08 -15.06 -13.78
C VAL B 315 23.59 -15.13 -14.05
N ALA B 316 22.94 -16.27 -13.79
CA ALA B 316 21.51 -16.38 -14.00
C ALA B 316 20.74 -15.55 -12.98
N THR B 317 21.17 -15.57 -11.71
CA THR B 317 20.44 -14.83 -10.69
C THR B 317 20.71 -13.32 -10.78
N PHE B 318 21.79 -12.95 -11.49
CA PHE B 318 22.14 -11.53 -11.65
C PHE B 318 21.23 -10.94 -12.73
N LEU B 319 20.92 -11.73 -13.75
CA LEU B 319 20.06 -11.24 -14.86
C LEU B 319 18.64 -11.01 -14.37
N THR B 320 18.09 -11.97 -13.61
CA THR B 320 16.73 -11.78 -13.07
C THR B 320 16.67 -10.59 -12.12
N THR B 321 17.68 -10.44 -11.27
CA THR B 321 17.70 -9.33 -10.33
C THR B 321 17.67 -7.99 -11.06
N CYS B 322 18.47 -7.85 -12.12
CA CYS B 322 18.54 -6.58 -12.83
C CYS B 322 17.21 -6.21 -13.46
N ILE B 323 16.52 -7.20 -14.05
CA ILE B 323 15.23 -6.88 -14.66
C ILE B 323 14.18 -6.58 -13.60
N VAL B 324 14.25 -7.24 -12.43
CA VAL B 324 13.34 -6.91 -11.34
C VAL B 324 13.56 -5.47 -10.87
N GLU B 325 14.82 -5.10 -10.70
CA GLU B 325 15.15 -3.72 -10.24
C GLU B 325 14.68 -2.73 -11.29
N TYR B 326 14.92 -3.02 -12.57
CA TYR B 326 14.49 -2.14 -13.65
C TYR B 326 12.98 -1.98 -13.64
N SER B 327 12.24 -3.08 -13.46
CA SER B 327 10.79 -3.00 -13.41
C SER B 327 10.32 -2.14 -12.24
N LEU B 328 10.96 -2.29 -11.08
CA LEU B 328 10.59 -1.49 -9.92
C LEU B 328 10.82 0.00 -10.18
N ILE B 329 11.98 0.34 -10.76
CA ILE B 329 12.28 1.74 -11.04
C ILE B 329 11.30 2.29 -12.07
N GLY B 330 11.00 1.52 -13.11
CA GLY B 330 10.05 1.96 -14.11
C GLY B 330 8.65 2.17 -13.54
N ALA B 331 8.22 1.26 -12.67
CA ALA B 331 6.90 1.41 -12.05
C ALA B 331 6.85 2.65 -11.18
N ALA B 332 7.91 2.91 -10.39
CA ALA B 332 7.92 4.11 -9.57
C ALA B 332 7.91 5.36 -10.43
N ILE B 333 8.68 5.37 -11.52
CA ILE B 333 8.74 6.55 -12.39
C ILE B 333 7.39 6.80 -13.05
N MET B 334 6.76 5.74 -13.56
CA MET B 334 5.45 5.89 -14.19
C MET B 334 4.39 6.32 -13.19
N PHE B 335 4.46 5.83 -11.95
CA PHE B 335 3.50 6.28 -10.95
C PHE B 335 3.71 7.76 -10.63
N ILE B 336 4.96 8.19 -10.55
CA ILE B 336 5.24 9.63 -10.22
C ILE B 336 4.72 10.49 -11.38
N LEU B 337 4.93 10.04 -12.62
CA LEU B 337 4.41 10.79 -13.76
C LEU B 337 2.89 10.80 -13.76
N TRP B 338 2.26 9.67 -13.43
CA TRP B 338 0.81 9.59 -13.37
C TRP B 338 0.26 10.50 -12.29
N LYS B 339 0.93 10.56 -11.14
CA LYS B 339 0.51 11.45 -10.06
C LYS B 339 0.53 12.91 -10.47
N SER B 340 1.39 13.28 -11.42
CA SER B 340 1.52 14.66 -11.85
C SER B 340 0.47 15.06 -12.89
N ILE B 341 -0.32 14.09 -13.34
CA ILE B 341 -1.40 14.38 -14.33
C ILE B 341 -2.45 15.27 -13.65
N GLY B 342 -2.87 16.35 -14.32
CA GLY B 342 -3.86 17.24 -13.77
C GLY B 342 -3.31 18.29 -12.83
N GLN B 343 -2.01 18.33 -12.62
CA GLN B 343 -1.37 19.21 -11.66
C GLN B 343 -0.87 20.48 -12.35
N ASN B 344 -1.16 21.62 -11.75
CA ASN B 344 -0.74 22.92 -12.28
C ASN B 344 0.54 23.41 -11.59
N ASN B 345 1.65 22.76 -11.94
CA ASN B 345 2.92 23.10 -11.31
C ASN B 345 3.78 23.98 -12.19
N GLY B 397 34.34 -21.96 3.96
CA GLY B 397 34.71 -20.82 4.81
C GLY B 397 34.08 -19.55 4.30
N ALA B 398 33.36 -19.65 3.18
CA ALA B 398 32.66 -18.48 2.65
C ALA B 398 31.61 -18.09 3.68
N GLN B 399 30.83 -19.07 4.14
CA GLN B 399 29.74 -18.78 5.08
C GLN B 399 30.32 -18.31 6.42
N LEU B 400 31.64 -18.21 6.53
CA LEU B 400 32.22 -17.66 7.77
C LEU B 400 32.77 -16.28 7.48
N VAL B 401 33.76 -16.17 6.59
CA VAL B 401 34.40 -14.83 6.41
C VAL B 401 33.33 -13.87 5.91
N PHE B 402 32.40 -14.36 5.09
CA PHE B 402 31.42 -13.44 4.47
C PHE B 402 30.49 -12.92 5.57
N GLY B 403 30.02 -13.81 6.42
CA GLY B 403 29.21 -13.33 7.53
C GLY B 403 29.95 -12.31 8.38
N ILE B 404 31.24 -12.54 8.62
CA ILE B 404 32.03 -11.61 9.42
C ILE B 404 32.09 -10.24 8.75
N VAL B 405 32.34 -10.23 7.44
CA VAL B 405 32.45 -8.95 6.75
C VAL B 405 31.10 -8.28 6.60
N ASP B 406 30.01 -9.05 6.47
CA ASP B 406 28.69 -8.44 6.50
C ASP B 406 28.42 -7.79 7.85
N LEU B 407 28.76 -8.49 8.93
CA LEU B 407 28.57 -7.93 10.27
C LEU B 407 29.39 -6.66 10.46
N SER B 408 30.65 -6.67 10.01
CA SER B 408 31.49 -5.49 10.15
C SER B 408 30.95 -4.34 9.32
N LEU B 409 30.54 -4.61 8.08
CA LEU B 409 29.97 -3.58 7.24
C LEU B 409 28.65 -3.05 7.79
N PHE B 410 27.80 -3.95 8.31
CA PHE B 410 26.55 -3.51 8.93
C PHE B 410 26.83 -2.67 10.17
N SER B 411 27.76 -3.10 11.02
CA SER B 411 27.99 -2.41 12.28
C SER B 411 28.52 -1.00 12.06
N ILE B 412 29.47 -0.83 11.15
CA ILE B 412 30.02 0.51 10.90
C ILE B 412 28.97 1.40 10.25
N ALA B 413 28.18 0.83 9.33
CA ALA B 413 27.09 1.60 8.73
C ALA B 413 26.02 1.93 9.77
N LEU B 414 25.74 0.99 10.68
CA LEU B 414 24.77 1.24 11.73
C LEU B 414 25.22 2.38 12.64
N GLY B 415 26.51 2.38 13.02
CA GLY B 415 27.02 3.46 13.84
C GLY B 415 27.07 4.79 13.10
N ALA B 416 27.43 4.75 11.82
CA ALA B 416 27.51 5.98 11.03
C ALA B 416 26.15 6.64 10.90
N CYS B 417 25.09 5.83 10.71
CA CYS B 417 23.74 6.38 10.66
C CYS B 417 23.38 7.04 11.98
N ILE B 418 23.69 6.40 13.10
CA ILE B 418 23.36 6.96 14.41
C ILE B 418 24.18 8.22 14.66
N ILE B 419 25.48 8.18 14.36
CA ILE B 419 26.30 9.37 14.49
C ILE B 419 25.84 10.46 13.53
N GLY B 420 25.57 10.09 12.28
CA GLY B 420 25.19 11.08 11.28
C GLY B 420 23.96 11.86 11.68
N LEU B 421 22.95 11.17 12.20
CA LEU B 421 21.74 11.85 12.67
C LEU B 421 22.08 12.81 13.81
N TRP B 422 22.97 12.40 14.71
CA TRP B 422 23.40 13.29 15.78
C TRP B 422 24.16 14.50 15.24
N ARG B 423 25.04 14.28 14.26
CA ARG B 423 25.82 15.39 13.73
C ARG B 423 24.96 16.33 12.89
N MET B 424 24.01 15.78 12.13
CA MET B 424 23.20 16.55 11.22
C MET B 424 21.94 17.12 11.86
N ARG B 425 21.85 17.06 13.19
CA ARG B 425 20.66 17.54 13.88
C ARG B 425 20.49 19.06 13.79
N HIS B 426 21.54 19.78 13.40
CA HIS B 426 21.51 21.24 13.38
C HIS B 426 21.14 21.81 12.01
N LEU B 427 20.85 20.96 11.03
CA LEU B 427 20.44 21.44 9.72
C LEU B 427 18.99 21.92 9.76
N GLN B 428 18.46 22.27 8.60
CA GLN B 428 17.13 22.85 8.50
C GLN B 428 16.25 21.99 7.61
N TYR B 429 14.95 21.99 7.95
CA TYR B 429 13.96 21.25 7.12
C TYR B 429 13.84 21.94 5.77
N ARG B 430 13.65 21.16 4.72
CA ARG B 430 13.53 21.71 3.35
C ARG B 430 12.21 22.47 3.19
N LEU B 431 12.21 23.45 2.32
CA LEU B 431 10.99 24.18 2.02
C LEU B 431 10.26 23.62 0.80
N HIS B 432 10.98 23.08 -0.16
CA HIS B 432 10.38 22.46 -1.34
C HIS B 432 10.82 21.00 -1.40
N ALA B 433 9.86 20.08 -1.36
CA ALA B 433 10.15 18.67 -1.53
C ALA B 433 10.56 18.42 -2.98
N HIS B 434 11.65 17.68 -3.17
CA HIS B 434 12.19 17.42 -4.50
C HIS B 434 12.48 15.93 -4.63
N GLY B 435 11.59 15.21 -5.31
CA GLY B 435 11.77 13.79 -5.51
C GLY B 435 11.78 12.99 -4.23
N GLU B 436 10.87 13.30 -3.31
CA GLU B 436 10.81 12.64 -2.02
C GLU B 436 9.81 11.48 -1.99
N VAL B 437 8.93 11.39 -2.96
CA VAL B 437 7.88 10.39 -2.99
C VAL B 437 8.36 9.12 -3.68
N ILE B 438 9.05 9.28 -4.80
CA ILE B 438 9.62 8.12 -5.52
C ILE B 438 10.67 7.49 -4.59
N ASP B 439 11.51 8.32 -3.96
CA ASP B 439 12.51 7.82 -3.02
C ASP B 439 11.85 7.08 -1.87
N GLU B 440 10.77 7.64 -1.34
CA GLU B 440 10.03 6.98 -0.26
C GLU B 440 9.52 5.62 -0.71
N ILE B 441 8.89 5.57 -1.88
CA ILE B 441 8.28 4.32 -2.34
C ILE B 441 9.34 3.25 -2.55
N LEU B 442 10.40 3.59 -3.27
CA LEU B 442 11.44 2.60 -3.55
C LEU B 442 12.17 2.18 -2.29
N LEU B 443 12.44 3.12 -1.38
CA LEU B 443 13.10 2.77 -0.13
C LEU B 443 12.23 1.88 0.73
N ILE B 444 10.91 2.15 0.78
CA ILE B 444 10.02 1.30 1.57
C ILE B 444 9.91 -0.10 0.96
N ILE B 445 9.89 -0.20 -0.37
CA ILE B 445 9.86 -1.53 -0.98
C ILE B 445 11.12 -2.31 -0.64
N GLY B 446 12.29 -1.66 -0.79
CA GLY B 446 13.52 -2.32 -0.42
C GLY B 446 13.58 -2.69 1.04
N LEU B 447 13.09 -1.80 1.91
CA LEU B 447 13.11 -2.04 3.34
C LEU B 447 12.16 -3.16 3.73
N ILE B 448 11.01 -3.25 3.08
CA ILE B 448 10.08 -4.35 3.34
C ILE B 448 10.72 -5.67 2.97
N GLY B 449 11.38 -5.71 1.80
CA GLY B 449 12.10 -6.91 1.43
C GLY B 449 13.17 -7.27 2.44
N GLU B 450 13.91 -6.26 2.92
CA GLU B 450 14.99 -6.51 3.87
C GLU B 450 14.46 -7.02 5.21
N ILE B 451 13.39 -6.39 5.72
CA ILE B 451 12.83 -6.79 7.00
C ILE B 451 12.25 -8.20 6.90
N LEU B 452 11.62 -8.59 5.80
CA LEU B 452 11.11 -9.97 5.67
C LEU B 452 12.30 -10.90 5.65
N TYR B 453 13.26 -10.55 4.83
CA TYR B 453 14.38 -11.48 4.73
C TYR B 453 15.01 -11.72 6.10
N CYS B 454 15.24 -10.64 6.85
CA CYS B 454 15.87 -10.78 8.17
C CYS B 454 14.97 -11.54 9.13
N ALA B 455 13.66 -11.25 9.13
CA ALA B 455 12.74 -11.94 10.02
C ALA B 455 12.65 -13.42 9.68
N VAL B 456 12.60 -13.76 8.38
CA VAL B 456 12.52 -15.16 7.99
C VAL B 456 13.82 -15.88 8.33
N GLY B 457 14.96 -15.22 8.18
CA GLY B 457 16.21 -15.83 8.58
C GLY B 457 16.27 -16.09 10.07
N ILE B 458 15.84 -15.12 10.88
CA ILE B 458 15.80 -15.32 12.33
C ILE B 458 14.87 -16.48 12.66
N ASP B 459 13.70 -16.53 12.00
CA ASP B 459 12.74 -17.59 12.28
C ASP B 459 13.34 -18.96 11.95
N VAL B 460 13.98 -19.09 10.79
CA VAL B 460 14.47 -20.39 10.37
C VAL B 460 15.66 -20.83 11.22
N PHE B 461 16.48 -19.87 11.64
CA PHE B 461 17.66 -20.20 12.50
C PHE B 461 17.18 -20.45 13.92
N ILE B 462 15.89 -20.20 14.18
CA ILE B 462 15.32 -20.45 15.53
C ILE B 462 14.57 -21.78 15.51
N THR B 463 13.87 -22.07 14.40
CA THR B 463 13.04 -23.30 14.33
C THR B 463 13.89 -24.50 13.88
N CYS B 464 15.15 -24.29 13.50
CA CYS B 464 15.93 -25.41 12.99
C CYS B 464 17.29 -25.54 13.66
N ALA B 474 24.56 -19.03 16.45
CA ALA B 474 24.05 -17.70 16.86
C ALA B 474 24.77 -16.63 16.05
N LEU B 475 25.92 -16.94 15.44
CA LEU B 475 26.57 -15.91 14.58
C LEU B 475 25.58 -15.41 13.53
N PRO B 476 25.03 -16.24 12.61
CA PRO B 476 24.15 -15.72 11.56
C PRO B 476 22.92 -15.03 12.17
N ALA B 477 22.33 -15.65 13.19
CA ALA B 477 21.14 -15.07 13.82
C ALA B 477 21.46 -13.72 14.42
N PHE B 478 22.64 -13.57 15.02
CA PHE B 478 23.07 -12.27 15.51
C PHE B 478 23.26 -11.29 14.37
N VAL B 479 23.77 -11.78 13.23
CA VAL B 479 23.97 -10.89 12.04
C VAL B 479 22.60 -10.41 11.56
N PHE B 480 21.58 -11.28 11.56
CA PHE B 480 20.27 -10.91 11.04
C PHE B 480 19.65 -9.78 11.86
N VAL B 481 19.79 -9.83 13.19
CA VAL B 481 19.27 -8.74 14.02
C VAL B 481 20.03 -7.45 13.73
N ILE B 482 21.35 -7.54 13.62
CA ILE B 482 22.15 -6.35 13.29
C ILE B 482 21.77 -5.83 11.92
N ARG B 483 21.56 -6.73 10.96
CA ARG B 483 21.16 -6.29 9.62
C ARG B 483 19.80 -5.59 9.65
N MET B 484 18.84 -6.13 10.40
CA MET B 484 17.52 -5.50 10.48
C MET B 484 17.62 -4.11 11.11
N ILE B 485 18.36 -4.01 12.22
CA ILE B 485 18.52 -2.72 12.88
C ILE B 485 19.20 -1.74 11.94
N GLN B 486 20.23 -2.19 11.24
CA GLN B 486 20.96 -1.30 10.33
C GLN B 486 20.07 -0.82 9.19
N VAL B 487 19.30 -1.72 8.58
CA VAL B 487 18.49 -1.31 7.45
C VAL B 487 17.39 -0.35 7.90
N VAL B 488 16.80 -0.60 9.08
CA VAL B 488 15.75 0.30 9.57
C VAL B 488 16.31 1.66 9.92
N VAL B 489 17.43 1.69 10.66
CA VAL B 489 18.02 2.97 11.05
C VAL B 489 18.51 3.73 9.83
N GLN B 490 19.04 3.02 8.84
CA GLN B 490 19.50 3.66 7.61
C GLN B 490 18.32 4.19 6.80
N ALA B 491 17.20 3.46 6.79
CA ALA B 491 16.01 3.98 6.11
C ALA B 491 15.53 5.26 6.77
N ALA B 492 15.51 5.30 8.10
CA ALA B 492 15.14 6.53 8.80
C ALA B 492 16.13 7.64 8.49
N PHE B 493 17.43 7.31 8.58
CA PHE B 493 18.50 8.30 8.33
C PHE B 493 18.30 8.90 6.94
N ILE B 494 18.17 8.05 5.92
CA ILE B 494 18.05 8.59 4.54
C ILE B 494 16.78 9.43 4.46
N LEU B 495 15.61 8.84 4.72
CA LEU B 495 14.33 9.56 4.56
C LEU B 495 14.33 10.88 5.33
N THR B 496 15.12 11.00 6.40
CA THR B 496 15.18 12.28 7.09
C THR B 496 16.17 13.23 6.45
N THR B 497 17.41 12.79 6.26
CA THR B 497 18.45 13.67 5.72
C THR B 497 18.17 14.08 4.29
N SER B 498 17.27 13.37 3.59
CA SER B 498 16.87 13.76 2.20
C SER B 498 16.01 15.02 2.26
N ARG B 499 15.47 15.35 3.43
CA ARG B 499 14.71 16.58 3.64
C ARG B 499 15.51 17.63 4.40
N LEU B 500 16.79 17.39 4.67
CA LEU B 500 17.62 18.31 5.43
C LEU B 500 18.60 19.01 4.51
N ARG B 501 18.68 20.32 4.61
CA ARG B 501 19.56 21.13 3.78
C ARG B 501 20.36 22.07 4.66
N CYS B 502 21.62 22.20 4.29
CA CYS B 502 22.56 23.08 5.01
C CYS B 502 22.35 24.51 4.55
N LEU B 503 21.51 25.26 5.25
CA LEU B 503 21.17 26.64 4.82
C LEU B 503 21.68 27.66 5.84
N SER B 504 22.05 27.23 7.05
CA SER B 504 22.62 28.17 8.05
C SER B 504 24.04 28.57 7.63
N LYS B 505 24.47 29.77 8.02
CA LYS B 505 25.86 30.21 7.71
C LYS B 505 26.81 29.09 8.10
N TYR B 506 26.75 28.65 9.36
CA TYR B 506 27.62 27.54 9.83
C TYR B 506 27.32 26.28 9.01
N SER B 507 26.04 25.96 8.82
CA SER B 507 25.69 24.71 8.12
C SER B 507 26.28 24.74 6.71
N MET B 508 26.25 25.91 6.06
CA MET B 508 26.79 26.04 4.67
C MET B 508 28.31 25.98 4.72
N LYS B 509 28.93 26.41 5.81
CA LYS B 509 30.41 26.46 5.88
C LYS B 509 30.97 25.15 6.43
N TYR B 510 30.35 24.62 7.49
CA TYR B 510 30.86 23.37 8.14
C TYR B 510 30.37 22.16 7.35
N LYS B 511 29.28 22.30 6.60
CA LYS B 511 28.69 21.13 5.90
C LYS B 511 28.64 19.96 6.87
N PRO B 512 27.87 20.04 7.98
CA PRO B 512 27.88 19.00 9.01
C PRO B 512 27.37 17.64 8.51
N GLY B 513 28.19 16.60 8.63
CA GLY B 513 27.72 15.24 8.26
C GLY B 513 28.18 14.81 6.87
N LYS B 514 28.91 15.65 6.13
CA LYS B 514 29.25 15.20 4.75
C LYS B 514 30.05 13.93 4.77
N GLU B 515 31.11 13.92 5.55
CA GLU B 515 31.99 12.74 5.57
C GLU B 515 31.12 11.57 5.99
N ILE B 516 30.09 11.84 6.80
CA ILE B 516 29.18 10.69 7.11
C ILE B 516 28.53 10.24 5.80
N ILE B 517 27.96 11.18 5.03
CA ILE B 517 27.23 10.76 3.79
C ILE B 517 28.20 9.97 2.89
N THR B 518 29.41 10.50 2.64
CA THR B 518 30.34 9.81 1.74
C THR B 518 30.70 8.43 2.28
N PHE B 519 30.93 8.31 3.59
CA PHE B 519 31.27 7.02 4.17
C PHE B 519 30.11 6.04 4.02
N LEU B 520 28.89 6.50 4.29
CA LEU B 520 27.72 5.64 4.16
C LEU B 520 27.49 5.25 2.71
N LEU B 521 27.70 6.17 1.78
CA LEU B 521 27.57 5.85 0.37
C LEU B 521 28.58 4.80 -0.06
N VAL B 522 29.82 4.93 0.41
CA VAL B 522 30.85 3.95 0.09
C VAL B 522 30.47 2.60 0.67
N SER B 523 29.97 2.57 1.91
CA SER B 523 29.57 1.31 2.53
C SER B 523 28.41 0.68 1.77
N ASN B 524 27.42 1.48 1.35
CA ASN B 524 26.28 0.93 0.64
C ASN B 524 26.66 0.40 -0.73
N VAL B 525 27.51 1.13 -1.46
CA VAL B 525 27.99 0.65 -2.75
C VAL B 525 28.79 -0.63 -2.57
N THR B 526 29.63 -0.67 -1.53
CA THR B 526 30.40 -1.88 -1.25
C THR B 526 29.48 -3.06 -0.95
N LEU B 527 28.43 -2.83 -0.17
CA LEU B 527 27.49 -3.91 0.13
C LEU B 527 26.77 -4.38 -1.12
N PHE B 528 26.34 -3.44 -1.97
CA PHE B 528 25.65 -3.82 -3.19
C PHE B 528 26.55 -4.67 -4.09
N VAL B 529 27.79 -4.22 -4.32
CA VAL B 529 28.72 -4.97 -5.14
C VAL B 529 29.03 -6.32 -4.51
N PHE B 530 29.28 -6.33 -3.20
CA PHE B 530 29.70 -7.55 -2.50
C PHE B 530 28.60 -8.60 -2.53
N HIS B 531 27.35 -8.18 -2.32
CA HIS B 531 26.24 -9.12 -2.37
C HIS B 531 25.95 -9.55 -3.81
N THR B 532 26.37 -8.80 -4.81
CA THR B 532 26.14 -9.30 -6.18
C THR B 532 27.14 -10.40 -6.54
N PHE B 533 28.43 -10.18 -6.27
CA PHE B 533 29.45 -11.16 -6.71
C PHE B 533 29.48 -12.35 -5.78
N GLU B 534 28.63 -12.36 -4.77
CA GLU B 534 28.65 -13.47 -3.80
C GLU B 534 27.34 -14.22 -3.94
N GLY B 535 26.37 -13.63 -4.63
CA GLY B 535 25.06 -14.27 -4.81
C GLY B 535 24.73 -15.22 -3.68
N TYR B 550 10.00 -21.40 2.15
CA TYR B 550 11.18 -20.86 2.88
C TYR B 550 12.32 -20.65 1.88
N ASN B 551 12.09 -20.93 0.61
CA ASN B 551 13.09 -20.67 -0.45
C ASN B 551 12.38 -19.81 -1.49
N TYR B 552 11.08 -19.63 -1.33
CA TYR B 552 10.27 -18.86 -2.28
C TYR B 552 10.31 -17.44 -1.79
N ILE B 553 10.29 -17.23 -0.48
CA ILE B 553 10.44 -15.82 0.01
C ILE B 553 11.87 -15.40 -0.29
N ILE B 554 12.82 -16.29 -0.04
CA ILE B 554 14.24 -15.97 -0.33
C ILE B 554 14.37 -15.57 -1.79
N TYR B 555 13.81 -16.32 -2.74
CA TYR B 555 14.01 -15.89 -4.12
C TYR B 555 13.23 -14.62 -4.42
N ALA B 556 12.02 -14.51 -3.88
CA ALA B 556 11.17 -13.35 -4.18
C ALA B 556 11.77 -12.07 -3.63
N VAL B 557 12.33 -12.12 -2.41
CA VAL B 557 12.94 -10.94 -1.81
C VAL B 557 14.42 -10.82 -2.10
N GLY B 558 14.99 -11.76 -2.85
CA GLY B 558 16.38 -11.70 -3.22
C GLY B 558 16.78 -10.39 -3.90
N PRO B 559 16.17 -10.07 -5.04
CA PRO B 559 16.49 -8.80 -5.70
C PRO B 559 16.14 -7.58 -4.87
N LEU B 560 15.22 -7.70 -3.92
CA LEU B 560 14.84 -6.54 -3.12
C LEU B 560 15.98 -6.07 -2.24
N LEU B 561 16.82 -6.99 -1.75
CA LEU B 561 17.93 -6.62 -0.89
C LEU B 561 18.93 -5.75 -1.64
N VAL B 562 19.40 -6.23 -2.79
CA VAL B 562 20.37 -5.48 -3.57
C VAL B 562 19.75 -4.22 -4.15
N PHE B 563 18.44 -4.24 -4.44
CA PHE B 563 17.80 -3.01 -4.85
C PHE B 563 17.76 -1.99 -3.72
N TYR B 564 17.54 -2.44 -2.49
CA TYR B 564 17.58 -1.54 -1.35
C TYR B 564 18.96 -0.92 -1.21
N ARG B 565 20.00 -1.73 -1.40
CA ARG B 565 21.40 -1.22 -1.30
C ARG B 565 21.64 -0.20 -2.42
N PHE B 566 21.19 -0.49 -3.65
CA PHE B 566 21.39 0.43 -4.77
C PHE B 566 20.63 1.73 -4.57
N HIS B 567 19.39 1.61 -4.10
CA HIS B 567 18.56 2.82 -3.90
C HIS B 567 19.17 3.66 -2.79
N SER B 568 19.64 3.02 -1.72
CA SER B 568 20.30 3.74 -0.65
C SER B 568 21.51 4.50 -1.16
N SER B 569 22.31 3.86 -2.02
CA SER B 569 23.45 4.55 -2.62
C SER B 569 23.01 5.72 -3.47
N ALA B 570 21.96 5.53 -4.28
CA ALA B 570 21.48 6.59 -5.15
C ALA B 570 20.93 7.76 -4.34
N CYS B 571 20.24 7.48 -3.23
CA CYS B 571 19.77 8.54 -2.37
C CYS B 571 20.91 9.27 -1.69
N LEU B 572 21.90 8.52 -1.20
CA LEU B 572 23.03 9.13 -0.50
C LEU B 572 23.84 10.02 -1.43
N ALA B 573 24.02 9.60 -2.68
CA ALA B 573 24.66 10.47 -3.67
C ALA B 573 23.82 11.72 -3.88
N GLU B 574 22.50 11.59 -3.94
CA GLU B 574 21.64 12.75 -4.02
C GLU B 574 21.74 13.60 -2.75
N ILE B 575 21.79 12.95 -1.58
CA ILE B 575 21.92 13.69 -0.33
C ILE B 575 23.25 14.41 -0.27
N TRP B 576 24.32 13.71 -0.68
CA TRP B 576 25.67 14.33 -0.64
C TRP B 576 25.66 15.63 -1.47
N LYS B 577 24.87 15.67 -2.54
CA LYS B 577 24.87 16.82 -3.43
C LYS B 577 23.85 17.87 -3.01
N HIS B 578 22.60 17.46 -2.76
CA HIS B 578 21.54 18.43 -2.55
C HIS B 578 21.64 19.10 -1.19
N THR B 579 21.96 18.33 -0.15
CA THR B 579 22.09 18.93 1.18
C THR B 579 23.25 19.91 1.24
N TYR B 580 24.38 19.56 0.65
CA TYR B 580 25.60 20.37 0.74
C TYR B 580 25.83 21.07 -0.60
N SER B 581 25.19 22.22 -0.77
CA SER B 581 25.39 23.05 -1.96
C SER B 581 25.64 24.48 -1.48
#